data_1AHX
#
_entry.id   1AHX
#
_cell.length_a   84.980
_cell.length_b   78.690
_cell.length_c   89.280
_cell.angle_alpha   90.00
_cell.angle_beta   118.32
_cell.angle_gamma   90.00
#
_symmetry.space_group_name_H-M   'P 1 21 1'
#
loop_
_entity.id
_entity.type
_entity.pdbx_description
1 polymer 'ASPARTATE AMINOTRANSFERASE'
2 non-polymer "PYRIDOXAL-5'-PHOSPHATE"
3 non-polymer 'HYDROCINNAMIC ACID'
4 water water
#
_entity_poly.entity_id   1
_entity_poly.type   'polypeptide(L)'
_entity_poly.pdbx_seq_one_letter_code
;MFENITAAPADPILGLADLFRADERPGKINLGIGLYYDETGKIPVLTSVKKAEQYLLENETTKLYLGIDGIPEFGRCTQE
LLFGKGSALINDKRARTAQTPGGSGALRVAADFLAKNTSVKRVWVSNPSWPNHKSVFNSAGLEVREYAYYDAENHTLDFD
ALINSLNEAQAGDVVLFHGCCHNPTGIDPTLEQWQTLAQLSVEKGWLPLFDFAYQGFARGLEEDAEGLRAFAAMHKELIV
ASSYSKNFGLYNERVGACTLVAADSETVDRAFSQMKAAIRANYSSPPAHGASVVATILSNDALRAIWEQELTDMRQRIQR
MRQLFVNTLQEKGANRDFSFIIKQNGMFSFSGLTKEQVLRLREEFGVYAVASGRVNVAGMTPDNMAPLCEAIVAVL
;
_entity_poly.pdbx_strand_id   A,B
#
# COMPACT_ATOMS: atom_id res chain seq x y z
N MET A 1 -3.98 10.68 25.78
CA MET A 1 -4.55 9.75 24.85
C MET A 1 -3.77 8.44 24.65
N PHE A 2 -2.44 8.52 24.54
CA PHE A 2 -1.53 7.41 24.28
C PHE A 2 -0.85 6.89 25.54
N GLU A 3 -1.17 7.49 26.67
CA GLU A 3 -0.59 7.15 27.97
C GLU A 3 -0.56 5.68 28.36
N ASN A 4 -1.64 5.00 28.11
CA ASN A 4 -1.72 3.63 28.52
C ASN A 4 -1.45 2.60 27.44
N ILE A 5 -1.03 3.01 26.24
CA ILE A 5 -0.77 2.01 25.23
C ILE A 5 0.33 1.04 25.63
N THR A 6 0.03 -0.25 25.39
CA THR A 6 1.00 -1.30 25.65
C THR A 6 1.83 -1.56 24.39
N ALA A 7 3.12 -1.76 24.61
CA ALA A 7 3.99 -2.04 23.52
C ALA A 7 3.56 -3.37 22.93
N ALA A 8 3.56 -3.44 21.59
CA ALA A 8 3.23 -4.63 20.84
C ALA A 8 4.48 -5.48 20.57
N PRO A 9 4.32 -6.77 20.48
CA PRO A 9 5.45 -7.63 20.22
C PRO A 9 5.79 -7.44 18.75
N ALA A 10 7.07 -7.55 18.41
CA ALA A 10 7.48 -7.35 17.02
C ALA A 10 7.14 -8.53 16.09
N ASP A 11 7.21 -8.23 14.81
CA ASP A 11 6.97 -9.20 13.77
C ASP A 11 8.06 -10.22 13.89
N PRO A 12 7.64 -11.47 14.10
CA PRO A 12 8.49 -12.63 14.28
C PRO A 12 9.54 -12.80 13.20
N ILE A 13 9.16 -12.48 11.96
CA ILE A 13 10.07 -12.55 10.82
C ILE A 13 10.82 -11.24 10.55
N LEU A 14 10.08 -10.15 10.30
CA LEU A 14 10.73 -8.86 10.01
C LEU A 14 11.47 -8.28 11.18
N GLY A 15 11.09 -8.68 12.41
CA GLY A 15 11.75 -8.15 13.62
C GLY A 15 13.16 -8.67 13.79
N LEU A 16 13.36 -9.86 13.22
CA LEU A 16 14.62 -10.58 13.23
C LEU A 16 15.67 -9.82 12.44
N ALA A 17 15.18 -9.13 11.43
CA ALA A 17 16.04 -8.33 10.59
C ALA A 17 16.72 -7.20 11.38
N ASP A 18 15.93 -6.57 12.22
CA ASP A 18 16.39 -5.51 13.09
C ASP A 18 17.52 -6.02 13.97
N LEU A 19 17.23 -7.11 14.67
CA LEU A 19 18.21 -7.67 15.55
C LEU A 19 19.44 -7.96 14.73
N PHE A 20 19.17 -8.50 13.52
CA PHE A 20 20.25 -8.85 12.63
C PHE A 20 21.15 -7.67 12.37
N ARG A 21 20.48 -6.53 12.11
CA ARG A 21 21.10 -5.27 11.84
C ARG A 21 21.91 -4.76 13.00
N ALA A 22 21.44 -4.93 14.22
CA ALA A 22 22.17 -4.45 15.36
C ALA A 22 23.30 -5.36 15.87
N ASP A 23 23.35 -6.62 15.39
CA ASP A 23 24.39 -7.56 15.83
C ASP A 23 25.68 -7.12 15.21
N GLU A 24 26.75 -7.03 15.98
CA GLU A 24 27.99 -6.64 15.33
C GLU A 24 29.07 -7.68 15.31
N ARG A 25 28.71 -8.89 15.73
CA ARG A 25 29.65 -9.97 15.69
C ARG A 25 29.92 -10.22 14.19
N PRO A 26 31.21 -10.19 13.84
CA PRO A 26 31.78 -10.36 12.52
C PRO A 26 31.18 -11.39 11.55
N GLY A 27 31.11 -12.66 11.93
CA GLY A 27 30.61 -13.60 10.96
C GLY A 27 29.15 -13.96 11.08
N LYS A 28 28.30 -13.01 11.42
CA LYS A 28 26.91 -13.34 11.53
C LYS A 28 26.32 -13.92 10.24
N ILE A 29 25.33 -14.82 10.35
CA ILE A 29 24.70 -15.43 9.21
C ILE A 29 23.20 -15.28 9.33
N ASN A 30 22.57 -14.79 8.27
CA ASN A 30 21.15 -14.60 8.25
C ASN A 30 20.39 -15.65 7.44
N LEU A 31 19.75 -16.56 8.12
CA LEU A 31 18.91 -17.59 7.51
C LEU A 31 17.45 -17.36 7.90
N GLY A 32 17.16 -16.12 8.29
CA GLY A 32 15.84 -15.77 8.72
C GLY A 32 14.88 -15.51 7.57
N ILE A 33 14.58 -14.22 7.35
CA ILE A 33 13.66 -13.73 6.31
C ILE A 33 13.93 -14.36 4.93
N GLY A 34 12.85 -14.68 4.22
CA GLY A 34 12.90 -15.34 2.94
C GLY A 34 13.34 -14.53 1.72
N LEU A 35 14.63 -14.19 1.73
CA LEU A 35 15.23 -13.46 0.60
C LEU A 35 16.18 -14.39 -0.12
N TYR A 36 16.24 -14.26 -1.45
CA TYR A 36 17.14 -15.03 -2.27
C TYR A 36 18.54 -14.38 -2.29
N TYR A 37 19.57 -15.14 -1.91
CA TYR A 37 20.92 -14.63 -1.93
C TYR A 37 21.69 -15.37 -3.06
N ASP A 38 22.84 -14.82 -3.45
CA ASP A 38 23.67 -15.43 -4.50
C ASP A 38 24.96 -15.99 -3.93
N GLU A 39 25.69 -16.68 -4.82
CA GLU A 39 26.96 -17.32 -4.52
C GLU A 39 27.83 -16.40 -3.69
N THR A 40 27.76 -15.13 -3.98
CA THR A 40 28.60 -14.22 -3.23
C THR A 40 27.94 -13.67 -1.99
N GLY A 41 26.70 -14.07 -1.73
CA GLY A 41 26.01 -13.60 -0.54
C GLY A 41 25.37 -12.24 -0.64
N LYS A 42 24.89 -11.89 -1.84
CA LYS A 42 24.19 -10.63 -2.05
C LYS A 42 22.76 -10.87 -2.46
N ILE A 43 21.90 -9.88 -2.25
CA ILE A 43 20.50 -9.96 -2.63
C ILE A 43 20.44 -9.04 -3.82
N PRO A 44 20.73 -9.60 -4.99
CA PRO A 44 20.82 -8.83 -6.21
C PRO A 44 19.54 -8.42 -6.89
N VAL A 45 19.67 -7.37 -7.68
CA VAL A 45 18.56 -6.96 -8.50
C VAL A 45 18.63 -7.79 -9.80
N LEU A 46 17.59 -8.42 -10.22
CA LEU A 46 17.63 -9.18 -11.45
C LEU A 46 18.05 -8.35 -12.68
N THR A 47 18.70 -8.99 -13.66
CA THR A 47 19.13 -8.27 -14.87
C THR A 47 17.97 -7.81 -15.74
N SER A 48 16.97 -8.68 -15.86
CA SER A 48 15.79 -8.34 -16.60
C SER A 48 15.06 -7.12 -16.01
N VAL A 49 15.10 -6.98 -14.67
CA VAL A 49 14.48 -5.89 -13.91
C VAL A 49 15.21 -4.56 -14.22
N LYS A 50 16.58 -4.58 -14.04
CA LYS A 50 17.45 -3.42 -14.33
C LYS A 50 17.18 -2.90 -15.76
N LYS A 51 17.02 -3.82 -16.71
CA LYS A 51 16.70 -3.42 -18.07
C LYS A 51 15.36 -2.75 -18.12
N ALA A 52 14.33 -3.43 -17.61
CA ALA A 52 12.98 -2.86 -17.63
C ALA A 52 12.97 -1.48 -16.99
N GLU A 53 13.72 -1.32 -15.93
CA GLU A 53 13.79 -0.03 -15.28
C GLU A 53 14.42 1.04 -16.22
N GLN A 54 15.40 0.65 -17.03
CA GLN A 54 16.01 1.65 -17.88
C GLN A 54 14.98 2.07 -18.89
N TYR A 55 14.24 1.11 -19.31
CA TYR A 55 13.19 1.36 -20.25
C TYR A 55 12.20 2.39 -19.71
N LEU A 56 11.84 2.25 -18.45
CA LEU A 56 10.88 3.15 -17.84
C LEU A 56 11.46 4.53 -17.71
N LEU A 57 12.70 4.58 -17.31
CA LEU A 57 13.38 5.88 -17.13
C LEU A 57 13.30 6.73 -18.40
N GLU A 58 13.48 6.08 -19.52
CA GLU A 58 13.50 6.75 -20.79
C GLU A 58 12.17 6.96 -21.39
N ASN A 59 11.22 6.04 -21.19
CA ASN A 59 9.92 6.20 -21.82
C ASN A 59 8.77 6.80 -20.99
N GLU A 60 8.92 6.89 -19.68
CA GLU A 60 7.84 7.43 -18.87
C GLU A 60 7.71 8.89 -19.05
N THR A 61 6.48 9.34 -19.33
CA THR A 61 6.21 10.77 -19.50
C THR A 61 5.32 11.36 -18.39
N THR A 62 4.71 10.49 -17.55
CA THR A 62 3.81 10.94 -16.49
C THR A 62 3.73 9.99 -15.27
N LYS A 63 3.37 10.56 -14.09
CA LYS A 63 3.19 9.81 -12.86
C LYS A 63 1.71 9.79 -12.45
N LEU A 64 0.87 10.15 -13.37
CA LEU A 64 -0.62 10.17 -13.27
C LEU A 64 -1.15 9.03 -12.34
N TYR A 65 -2.16 9.23 -11.50
CA TYR A 65 -2.65 8.17 -10.63
C TYR A 65 -3.15 7.05 -11.49
N LEU A 66 -2.83 5.81 -11.10
CA LEU A 66 -3.36 4.67 -11.78
C LEU A 66 -4.81 4.55 -11.30
N GLY A 67 -5.56 3.59 -11.80
CA GLY A 67 -6.93 3.38 -11.36
C GLY A 67 -6.84 2.49 -10.15
N ILE A 68 -7.97 2.35 -9.45
CA ILE A 68 -8.01 1.58 -8.21
C ILE A 68 -7.44 0.20 -8.40
N ASP A 69 -7.75 -0.37 -9.54
CA ASP A 69 -7.32 -1.70 -9.83
C ASP A 69 -5.97 -1.81 -10.49
N GLY A 70 -5.26 -0.70 -10.70
CA GLY A 70 -3.93 -0.80 -11.30
C GLY A 70 -3.90 -0.85 -12.84
N ILE A 71 -2.72 -1.25 -13.36
CA ILE A 71 -2.41 -1.38 -14.76
C ILE A 71 -3.05 -2.62 -15.37
N PRO A 72 -3.93 -2.39 -16.34
CA PRO A 72 -4.64 -3.44 -17.03
C PRO A 72 -3.79 -4.55 -17.56
N GLU A 73 -2.63 -4.19 -18.12
CA GLU A 73 -1.74 -5.19 -18.67
C GLU A 73 -1.32 -6.17 -17.63
N PHE A 74 -1.02 -5.56 -16.49
CA PHE A 74 -0.56 -6.30 -15.37
C PHE A 74 -1.54 -7.37 -15.00
N GLY A 75 -2.82 -6.98 -15.04
CA GLY A 75 -3.95 -7.86 -14.71
C GLY A 75 -4.09 -9.02 -15.70
N ARG A 76 -4.09 -8.69 -16.98
CA ARG A 76 -4.20 -9.64 -18.07
C ARG A 76 -3.08 -10.66 -17.97
N CYS A 77 -1.85 -10.18 -17.84
CA CYS A 77 -0.71 -11.08 -17.71
C CYS A 77 -0.80 -11.99 -16.50
N THR A 78 -1.28 -11.39 -15.39
CA THR A 78 -1.36 -12.11 -14.15
C THR A 78 -2.31 -13.31 -14.33
N GLN A 79 -3.45 -13.04 -14.96
CA GLN A 79 -4.39 -14.12 -15.16
C GLN A 79 -3.90 -15.27 -16.03
N GLU A 80 -2.88 -15.02 -16.89
CA GLU A 80 -2.30 -16.07 -17.78
C GLU A 80 -1.32 -16.92 -17.07
N LEU A 81 -0.53 -16.24 -16.27
CA LEU A 81 0.43 -16.93 -15.48
C LEU A 81 -0.35 -17.88 -14.57
N LEU A 82 -1.46 -17.34 -14.08
CA LEU A 82 -2.34 -17.98 -13.14
C LEU A 82 -3.12 -19.16 -13.70
N PHE A 83 -3.96 -18.86 -14.68
CA PHE A 83 -4.83 -19.87 -15.18
C PHE A 83 -4.39 -20.54 -16.48
N GLY A 84 -3.28 -20.02 -17.06
CA GLY A 84 -2.74 -20.54 -18.29
C GLY A 84 -3.36 -19.88 -19.53
N LYS A 85 -2.51 -19.73 -20.57
CA LYS A 85 -2.74 -19.15 -21.91
C LYS A 85 -4.12 -19.07 -22.42
N GLY A 86 -4.82 -20.17 -22.59
CA GLY A 86 -6.18 -19.98 -23.13
C GLY A 86 -7.33 -20.49 -22.29
N SER A 87 -7.21 -20.43 -20.95
CA SER A 87 -8.22 -20.90 -20.01
C SER A 87 -9.60 -20.35 -20.30
N ALA A 88 -10.64 -21.07 -19.85
CA ALA A 88 -12.05 -20.68 -20.00
C ALA A 88 -12.38 -19.51 -19.07
N LEU A 89 -11.68 -19.48 -17.92
CA LEU A 89 -11.87 -18.44 -16.95
C LEU A 89 -11.68 -17.12 -17.65
N ILE A 90 -10.63 -17.05 -18.41
CA ILE A 90 -10.31 -15.83 -19.12
C ILE A 90 -11.27 -15.58 -20.28
N ASN A 91 -11.51 -16.62 -21.05
CA ASN A 91 -12.38 -16.52 -22.20
C ASN A 91 -13.80 -16.14 -21.79
N ASP A 92 -14.24 -16.60 -20.62
CA ASP A 92 -15.59 -16.27 -20.18
C ASP A 92 -15.67 -15.04 -19.37
N LYS A 93 -14.57 -14.34 -19.29
CA LYS A 93 -14.54 -13.11 -18.55
C LYS A 93 -15.07 -13.22 -17.11
N ARG A 94 -14.72 -14.31 -16.44
CA ARG A 94 -15.18 -14.62 -15.07
C ARG A 94 -14.25 -14.13 -13.95
N ALA A 95 -13.06 -13.68 -14.32
CA ALA A 95 -12.06 -13.24 -13.36
C ALA A 95 -11.74 -11.74 -13.45
N ARG A 96 -11.48 -11.11 -12.31
CA ARG A 96 -11.12 -9.71 -12.26
C ARG A 96 -9.92 -9.61 -11.39
N THR A 97 -8.94 -8.81 -11.76
CA THR A 97 -7.76 -8.74 -10.90
C THR A 97 -7.47 -7.30 -10.56
N ALA A 98 -7.03 -7.07 -9.32
CA ALA A 98 -6.64 -5.77 -8.84
C ALA A 98 -5.16 -5.84 -8.45
N GLN A 99 -4.35 -4.90 -8.93
CA GLN A 99 -2.93 -4.87 -8.58
C GLN A 99 -2.91 -4.31 -7.16
N THR A 100 -2.11 -4.89 -6.21
CA THR A 100 -2.11 -4.44 -4.81
C THR A 100 -0.71 -4.31 -4.30
N PRO A 101 -0.52 -3.66 -3.15
CA PRO A 101 0.83 -3.55 -2.66
C PRO A 101 1.30 -4.85 -2.05
N GLY A 102 1.91 -5.70 -2.88
CA GLY A 102 2.41 -7.02 -2.48
C GLY A 102 1.25 -8.04 -2.31
N GLY A 103 1.61 -9.27 -1.96
CA GLY A 103 0.61 -10.29 -1.67
C GLY A 103 0.01 -10.04 -0.25
N SER A 104 0.82 -9.36 0.59
CA SER A 104 0.38 -9.01 1.90
C SER A 104 -0.88 -8.15 1.73
N GLY A 105 -0.76 -7.13 0.90
CA GLY A 105 -1.86 -6.23 0.55
C GLY A 105 -3.02 -6.94 -0.09
N ALA A 106 -2.71 -7.93 -0.92
CA ALA A 106 -3.79 -8.69 -1.52
C ALA A 106 -4.52 -9.49 -0.42
N LEU A 107 -3.76 -10.00 0.60
CA LEU A 107 -4.40 -10.76 1.68
C LEU A 107 -5.39 -9.85 2.41
N ARG A 108 -4.95 -8.61 2.77
CA ARG A 108 -5.81 -7.63 3.45
C ARG A 108 -7.01 -7.21 2.63
N VAL A 109 -6.81 -7.02 1.35
CA VAL A 109 -7.92 -6.63 0.50
C VAL A 109 -8.99 -7.71 0.46
N ALA A 110 -8.55 -8.96 0.33
CA ALA A 110 -9.50 -10.08 0.34
C ALA A 110 -10.33 -10.12 1.66
N ALA A 111 -9.61 -10.00 2.80
CA ALA A 111 -10.15 -9.98 4.15
C ALA A 111 -11.23 -8.92 4.37
N ASP A 112 -10.92 -7.65 4.05
CA ASP A 112 -11.87 -6.55 4.18
C ASP A 112 -13.08 -6.76 3.31
N PHE A 113 -12.87 -7.28 2.10
CA PHE A 113 -13.94 -7.49 1.17
C PHE A 113 -14.92 -8.56 1.57
N LEU A 114 -14.39 -9.68 2.06
CA LEU A 114 -15.15 -10.83 2.55
C LEU A 114 -15.92 -10.44 3.84
N ALA A 115 -15.17 -9.83 4.79
CA ALA A 115 -15.75 -9.40 6.05
C ALA A 115 -16.92 -8.48 5.83
N LYS A 116 -16.83 -7.62 4.85
CA LYS A 116 -17.87 -6.65 4.61
C LYS A 116 -18.92 -7.04 3.65
N ASN A 117 -18.70 -8.02 2.83
CA ASN A 117 -19.71 -8.27 1.87
C ASN A 117 -20.28 -9.66 1.86
N THR A 118 -20.02 -10.50 2.77
CA THR A 118 -20.69 -11.88 2.74
C THR A 118 -20.88 -12.34 4.14
N SER A 119 -21.36 -13.46 4.34
CA SER A 119 -21.54 -13.94 5.69
C SER A 119 -20.32 -14.73 6.21
N VAL A 120 -19.19 -14.59 5.56
CA VAL A 120 -17.99 -15.33 5.98
C VAL A 120 -17.68 -14.92 7.40
N LYS A 121 -17.34 -15.87 8.26
CA LYS A 121 -17.04 -15.53 9.62
C LYS A 121 -15.76 -16.18 10.08
N ARG A 122 -15.38 -17.24 9.39
CA ARG A 122 -14.19 -17.97 9.75
C ARG A 122 -13.29 -18.34 8.57
N VAL A 123 -11.97 -18.31 8.82
CA VAL A 123 -10.90 -18.66 7.88
C VAL A 123 -10.07 -19.81 8.43
N TRP A 124 -9.90 -20.84 7.63
CA TRP A 124 -9.12 -21.97 8.05
C TRP A 124 -7.69 -21.92 7.48
N VAL A 125 -6.71 -21.95 8.35
CA VAL A 125 -5.31 -21.96 7.90
C VAL A 125 -4.60 -23.20 8.42
N SER A 126 -3.51 -23.60 7.80
CA SER A 126 -2.81 -24.77 8.20
C SER A 126 -1.95 -24.61 9.44
N ASN A 127 -1.67 -25.75 10.06
CA ASN A 127 -0.75 -25.84 11.17
C ASN A 127 0.45 -26.69 10.69
N PRO A 128 1.66 -26.14 10.65
CA PRO A 128 1.99 -24.81 11.05
C PRO A 128 1.56 -23.82 10.02
N SER A 129 1.55 -22.56 10.40
CA SER A 129 1.17 -21.57 9.40
C SER A 129 2.18 -20.43 9.34
N TRP A 130 1.99 -19.59 8.33
CA TRP A 130 2.77 -18.41 8.11
C TRP A 130 2.20 -17.36 9.10
N PRO A 131 3.04 -16.91 10.00
CA PRO A 131 2.64 -16.00 11.05
C PRO A 131 1.70 -14.87 10.71
N ASN A 132 1.79 -14.29 9.52
CA ASN A 132 0.98 -13.14 9.19
C ASN A 132 -0.46 -13.40 8.76
N HIS A 133 -0.78 -14.63 8.45
CA HIS A 133 -2.13 -14.88 8.04
C HIS A 133 -3.15 -14.51 9.13
N LYS A 134 -2.79 -14.88 10.38
CA LYS A 134 -3.56 -14.65 11.59
C LYS A 134 -3.87 -13.17 11.82
N SER A 135 -2.77 -12.38 11.80
CA SER A 135 -2.83 -10.94 11.96
C SER A 135 -3.73 -10.29 10.96
N VAL A 136 -3.57 -10.62 9.67
CA VAL A 136 -4.42 -9.96 8.66
C VAL A 136 -5.90 -10.27 8.86
N PHE A 137 -6.21 -11.56 8.99
CA PHE A 137 -7.60 -11.93 9.11
C PHE A 137 -8.28 -11.38 10.34
N ASN A 138 -7.60 -11.51 11.50
CA ASN A 138 -8.13 -11.01 12.75
C ASN A 138 -8.46 -9.53 12.61
N SER A 139 -7.53 -8.77 12.04
CA SER A 139 -7.75 -7.36 11.84
C SER A 139 -9.03 -7.05 11.09
N ALA A 140 -9.41 -7.93 10.18
CA ALA A 140 -10.64 -7.70 9.44
C ALA A 140 -11.85 -8.17 10.27
N GLY A 141 -11.57 -8.76 11.45
CA GLY A 141 -12.60 -9.27 12.32
C GLY A 141 -13.02 -10.70 11.98
N LEU A 142 -12.08 -11.50 11.50
CA LEU A 142 -12.41 -12.85 11.17
C LEU A 142 -11.68 -13.77 12.09
N GLU A 143 -12.30 -14.92 12.32
CA GLU A 143 -11.82 -15.97 13.20
C GLU A 143 -10.92 -16.87 12.42
N VAL A 144 -9.81 -17.18 13.01
CA VAL A 144 -8.85 -18.03 12.39
C VAL A 144 -8.79 -19.36 13.13
N ARG A 145 -9.06 -20.44 12.41
CA ARG A 145 -9.00 -21.78 12.97
C ARG A 145 -7.94 -22.55 12.22
N GLU A 146 -7.35 -23.54 12.85
CA GLU A 146 -6.32 -24.30 12.18
C GLU A 146 -6.70 -25.69 11.73
N TYR A 147 -6.08 -26.11 10.65
CA TYR A 147 -6.27 -27.43 10.13
C TYR A 147 -4.97 -28.21 10.13
N ALA A 148 -5.05 -29.51 10.46
CA ALA A 148 -3.85 -30.34 10.54
C ALA A 148 -3.12 -30.50 9.20
N TYR A 149 -1.79 -30.57 9.22
CA TYR A 149 -1.08 -30.63 7.97
C TYR A 149 0.23 -31.39 7.91
N TYR A 150 1.12 -31.00 8.78
CA TYR A 150 2.41 -31.60 8.73
C TYR A 150 2.66 -32.68 9.77
N ASP A 151 3.25 -33.79 9.35
CA ASP A 151 3.56 -34.84 10.30
C ASP A 151 5.01 -34.75 10.73
N ALA A 152 5.17 -34.22 11.94
CA ALA A 152 6.49 -34.03 12.47
C ALA A 152 7.37 -35.26 12.42
N GLU A 153 6.88 -36.38 12.94
CA GLU A 153 7.66 -37.61 12.98
C GLU A 153 8.12 -38.12 11.65
N ASN A 154 7.27 -38.18 10.64
CA ASN A 154 7.81 -38.64 9.37
C ASN A 154 8.07 -37.53 8.37
N HIS A 155 8.01 -36.27 8.82
CA HIS A 155 8.27 -35.17 7.94
C HIS A 155 7.49 -35.24 6.64
N THR A 156 6.19 -35.32 6.76
CA THR A 156 5.40 -35.37 5.58
C THR A 156 4.01 -34.85 5.77
N LEU A 157 3.32 -34.71 4.66
CA LEU A 157 1.97 -34.25 4.64
C LEU A 157 1.04 -35.36 5.17
N ASP A 158 0.32 -35.13 6.27
CA ASP A 158 -0.62 -36.13 6.81
C ASP A 158 -2.00 -35.91 6.19
N PHE A 159 -2.24 -36.52 5.04
CA PHE A 159 -3.51 -36.31 4.37
C PHE A 159 -4.75 -36.57 5.23
N ASP A 160 -4.70 -37.63 6.01
CA ASP A 160 -5.79 -38.03 6.89
C ASP A 160 -6.19 -37.00 7.91
N ALA A 161 -5.21 -36.58 8.71
CA ALA A 161 -5.47 -35.58 9.70
C ALA A 161 -5.95 -34.33 8.97
N LEU A 162 -5.37 -34.07 7.77
CA LEU A 162 -5.77 -32.92 6.96
C LEU A 162 -7.28 -32.97 6.78
N ILE A 163 -7.68 -34.04 6.13
CA ILE A 163 -9.07 -34.31 5.84
C ILE A 163 -9.96 -34.43 7.10
N ASN A 164 -9.46 -35.07 8.13
CA ASN A 164 -10.26 -35.19 9.30
C ASN A 164 -10.52 -33.86 9.98
N SER A 165 -9.46 -33.05 10.08
CA SER A 165 -9.61 -31.75 10.69
C SER A 165 -10.54 -30.81 9.96
N LEU A 166 -10.58 -30.88 8.63
CA LEU A 166 -11.46 -29.97 7.88
C LEU A 166 -12.91 -30.33 7.89
N ASN A 167 -13.19 -31.47 8.50
CA ASN A 167 -14.55 -31.95 8.57
C ASN A 167 -15.48 -31.04 9.32
N GLU A 168 -14.87 -30.20 10.17
CA GLU A 168 -15.57 -29.26 10.98
C GLU A 168 -15.78 -27.95 10.30
N ALA A 169 -15.19 -27.81 9.13
CA ALA A 169 -15.34 -26.57 8.45
C ALA A 169 -16.79 -26.48 8.05
N GLN A 170 -17.43 -25.35 8.15
CA GLN A 170 -18.83 -25.35 7.75
C GLN A 170 -19.03 -24.87 6.34
N ALA A 171 -20.19 -25.10 5.79
CA ALA A 171 -20.41 -24.59 4.44
C ALA A 171 -20.37 -23.08 4.54
N GLY A 172 -19.54 -22.45 3.69
CA GLY A 172 -19.50 -21.00 3.75
C GLY A 172 -18.27 -20.48 4.48
N ASP A 173 -17.46 -21.41 4.98
CA ASP A 173 -16.23 -21.08 5.64
C ASP A 173 -15.16 -20.85 4.56
N VAL A 174 -14.10 -20.13 4.87
CA VAL A 174 -13.06 -19.94 3.89
C VAL A 174 -11.94 -20.90 4.18
N VAL A 175 -11.49 -21.63 3.16
CA VAL A 175 -10.36 -22.47 3.43
C VAL A 175 -9.13 -21.90 2.66
N LEU A 176 -8.01 -21.59 3.36
CA LEU A 176 -6.82 -21.03 2.74
C LEU A 176 -5.73 -22.03 2.39
N PHE A 177 -5.40 -22.09 1.11
CA PHE A 177 -4.31 -22.96 0.65
C PHE A 177 -3.08 -22.19 0.08
N HIS A 178 -1.88 -22.76 0.29
CA HIS A 178 -0.66 -22.22 -0.30
C HIS A 178 -0.53 -22.90 -1.67
N GLY A 179 -0.46 -22.13 -2.77
CA GLY A 179 -0.36 -22.66 -4.15
C GLY A 179 0.77 -23.69 -4.38
N CYS A 180 1.97 -23.39 -3.91
CA CYS A 180 3.14 -24.28 -4.02
C CYS A 180 4.16 -23.82 -3.02
N CYS A 181 5.11 -24.62 -2.66
CA CYS A 181 6.08 -24.15 -1.70
C CYS A 181 5.51 -23.71 -0.36
N HIS A 182 4.78 -24.61 0.30
CA HIS A 182 4.19 -24.40 1.60
C HIS A 182 5.22 -23.73 2.55
N ASN A 183 4.84 -22.55 3.03
CA ASN A 183 5.65 -21.78 3.97
C ASN A 183 5.06 -21.99 5.39
N PRO A 184 5.78 -22.62 6.30
CA PRO A 184 7.17 -22.95 6.20
C PRO A 184 7.59 -24.38 5.95
N THR A 185 6.66 -25.33 5.77
CA THR A 185 7.05 -26.74 5.65
C THR A 185 7.82 -27.15 4.42
N GLY A 186 7.41 -26.62 3.28
CA GLY A 186 8.06 -26.98 2.06
C GLY A 186 7.38 -28.21 1.46
N ILE A 187 6.30 -28.70 2.10
CA ILE A 187 5.58 -29.89 1.68
C ILE A 187 4.30 -29.50 1.03
N ASP A 188 4.13 -29.94 -0.21
CA ASP A 188 2.94 -29.62 -0.97
C ASP A 188 2.19 -30.86 -1.32
N PRO A 189 0.87 -30.74 -1.49
CA PRO A 189 0.10 -31.89 -1.85
C PRO A 189 0.50 -32.38 -3.22
N THR A 190 0.11 -33.60 -3.60
CA THR A 190 0.45 -34.05 -4.92
C THR A 190 -0.66 -33.56 -5.84
N LEU A 191 -0.56 -33.77 -7.15
CA LEU A 191 -1.65 -33.35 -8.02
C LEU A 191 -2.90 -34.14 -7.69
N GLU A 192 -2.70 -35.40 -7.40
CA GLU A 192 -3.87 -36.14 -7.09
C GLU A 192 -4.47 -35.73 -5.78
N GLN A 193 -3.63 -35.38 -4.80
CA GLN A 193 -4.19 -34.92 -3.53
C GLN A 193 -4.97 -33.60 -3.75
N TRP A 194 -4.42 -32.75 -4.63
CA TRP A 194 -5.00 -31.49 -4.99
C TRP A 194 -6.37 -31.71 -5.62
N GLN A 195 -6.42 -32.75 -6.48
CA GLN A 195 -7.66 -33.14 -7.18
C GLN A 195 -8.76 -33.60 -6.20
N THR A 196 -8.30 -34.26 -5.13
CA THR A 196 -9.17 -34.75 -4.09
C THR A 196 -9.73 -33.60 -3.27
N LEU A 197 -8.83 -32.76 -2.76
CA LEU A 197 -9.15 -31.56 -1.99
C LEU A 197 -10.11 -30.66 -2.74
N ALA A 198 -9.98 -30.63 -4.07
CA ALA A 198 -10.85 -29.80 -4.86
C ALA A 198 -12.26 -30.37 -4.96
N GLN A 199 -12.34 -31.70 -4.87
CA GLN A 199 -13.63 -32.40 -4.92
C GLN A 199 -14.41 -32.16 -3.65
N LEU A 200 -13.72 -32.36 -2.53
CA LEU A 200 -14.30 -32.12 -1.22
C LEU A 200 -14.91 -30.74 -1.16
N SER A 201 -14.02 -29.74 -1.20
CA SER A 201 -14.38 -28.33 -1.10
C SER A 201 -15.64 -27.97 -1.84
N VAL A 202 -15.81 -28.56 -2.99
CA VAL A 202 -17.02 -28.31 -3.74
C VAL A 202 -18.22 -28.99 -3.08
N GLU A 203 -17.96 -30.18 -2.56
CA GLU A 203 -18.95 -30.98 -1.90
C GLU A 203 -19.35 -30.32 -0.57
N LYS A 204 -18.32 -30.00 0.23
CA LYS A 204 -18.47 -29.40 1.53
C LYS A 204 -18.91 -27.93 1.55
N GLY A 205 -18.87 -27.22 0.42
CA GLY A 205 -19.30 -25.83 0.39
C GLY A 205 -18.34 -24.74 0.84
N TRP A 206 -17.06 -24.96 0.69
CA TRP A 206 -16.06 -23.94 1.06
C TRP A 206 -15.68 -23.01 -0.08
N LEU A 207 -15.22 -21.81 0.32
CA LEU A 207 -14.70 -20.80 -0.58
C LEU A 207 -13.17 -20.90 -0.52
N PRO A 208 -12.48 -21.31 -1.57
CA PRO A 208 -11.04 -21.42 -1.39
C PRO A 208 -10.35 -20.11 -1.64
N LEU A 209 -9.27 -19.90 -0.89
CA LEU A 209 -8.43 -18.72 -1.01
C LEU A 209 -6.99 -19.20 -1.12
N PHE A 210 -6.39 -18.93 -2.26
CA PHE A 210 -5.01 -19.36 -2.46
C PHE A 210 -4.00 -18.27 -2.17
N ASP A 211 -3.03 -18.57 -1.35
CA ASP A 211 -1.93 -17.65 -1.12
C ASP A 211 -0.81 -18.18 -2.06
N PHE A 212 -0.55 -17.48 -3.18
CA PHE A 212 0.42 -17.93 -4.22
C PHE A 212 1.61 -16.99 -4.41
N ALA A 213 2.66 -17.17 -3.63
CA ALA A 213 3.78 -16.27 -3.68
C ALA A 213 5.09 -16.87 -4.17
N TYR A 214 5.11 -18.14 -4.46
CA TYR A 214 6.34 -18.79 -4.88
C TYR A 214 6.22 -19.52 -6.24
N GLN A 215 5.42 -18.95 -7.18
CA GLN A 215 5.25 -19.56 -8.47
C GLN A 215 6.58 -19.56 -9.22
N GLY A 216 7.06 -20.77 -9.54
CA GLY A 216 8.33 -20.96 -10.25
C GLY A 216 9.46 -21.49 -9.36
N PHE A 217 9.26 -21.59 -8.07
CA PHE A 217 10.37 -22.06 -7.23
C PHE A 217 10.33 -23.54 -6.86
N ALA A 218 9.21 -24.21 -7.19
CA ALA A 218 9.07 -25.61 -6.91
C ALA A 218 9.60 -26.38 -8.12
N ARG A 219 8.81 -26.42 -9.17
CA ARG A 219 9.19 -27.14 -10.37
C ARG A 219 9.28 -26.24 -11.60
N GLY A 220 8.30 -25.36 -11.77
CA GLY A 220 8.28 -24.43 -12.87
C GLY A 220 6.98 -23.61 -12.85
N LEU A 221 6.95 -22.55 -13.64
CA LEU A 221 5.79 -21.69 -13.71
C LEU A 221 4.47 -22.41 -13.92
N GLU A 222 4.39 -23.30 -14.87
CA GLU A 222 3.11 -23.94 -15.12
C GLU A 222 2.85 -25.13 -14.23
N GLU A 223 3.89 -25.85 -13.90
CA GLU A 223 3.74 -26.99 -13.06
C GLU A 223 3.26 -26.53 -11.70
N ASP A 224 3.84 -25.42 -11.21
CA ASP A 224 3.51 -24.90 -9.90
C ASP A 224 2.07 -24.45 -9.80
N ALA A 225 1.43 -24.17 -10.96
CA ALA A 225 0.04 -23.72 -10.97
C ALA A 225 -1.02 -24.83 -11.08
N GLU A 226 -0.61 -26.09 -11.09
CA GLU A 226 -1.50 -27.25 -11.21
C GLU A 226 -2.65 -27.37 -10.23
N GLY A 227 -2.30 -27.29 -8.92
CA GLY A 227 -3.28 -27.35 -7.81
C GLY A 227 -4.36 -26.28 -8.01
N LEU A 228 -3.92 -25.03 -8.10
CA LEU A 228 -4.82 -23.92 -8.34
C LEU A 228 -5.68 -24.17 -9.59
N ARG A 229 -5.08 -24.71 -10.63
CA ARG A 229 -5.79 -24.89 -11.87
C ARG A 229 -6.82 -25.97 -11.79
N ALA A 230 -6.50 -26.94 -10.95
CA ALA A 230 -7.38 -28.06 -10.70
C ALA A 230 -8.60 -27.55 -9.93
N PHE A 231 -8.33 -26.59 -9.02
CA PHE A 231 -9.41 -26.02 -8.24
C PHE A 231 -10.28 -25.20 -9.08
N ALA A 232 -9.63 -24.46 -9.98
CA ALA A 232 -10.35 -23.54 -10.87
C ALA A 232 -11.33 -24.20 -11.85
N ALA A 233 -11.11 -25.47 -12.16
CA ALA A 233 -11.99 -26.18 -13.06
C ALA A 233 -13.33 -26.59 -12.40
N MET A 234 -13.32 -26.80 -11.09
CA MET A 234 -14.51 -27.21 -10.34
C MET A 234 -15.29 -26.07 -9.78
N HIS A 235 -14.55 -25.12 -9.22
CA HIS A 235 -15.12 -24.00 -8.54
C HIS A 235 -15.70 -22.92 -9.39
N LYS A 236 -16.74 -22.35 -8.82
CA LYS A 236 -17.48 -21.27 -9.38
C LYS A 236 -16.92 -19.97 -8.93
N GLU A 237 -16.47 -19.99 -7.69
CA GLU A 237 -15.93 -18.83 -7.05
C GLU A 237 -14.61 -19.17 -6.39
N LEU A 238 -13.66 -18.23 -6.44
CA LEU A 238 -12.34 -18.47 -5.91
C LEU A 238 -11.64 -17.13 -5.61
N ILE A 239 -10.72 -17.10 -4.65
CA ILE A 239 -9.94 -15.88 -4.38
C ILE A 239 -8.45 -16.25 -4.49
N VAL A 240 -7.64 -15.42 -5.18
CA VAL A 240 -6.19 -15.67 -5.31
C VAL A 240 -5.42 -14.40 -4.96
N ALA A 241 -4.49 -14.54 -4.03
CA ALA A 241 -3.66 -13.45 -3.63
C ALA A 241 -2.27 -13.87 -4.05
N SER A 242 -1.72 -13.21 -5.07
CA SER A 242 -0.40 -13.63 -5.52
C SER A 242 0.63 -12.57 -5.33
N SER A 243 1.88 -12.94 -5.43
CA SER A 243 2.93 -11.95 -5.25
C SER A 243 4.05 -12.07 -6.27
N TYR A 244 4.75 -10.98 -6.54
CA TYR A 244 5.89 -11.03 -7.46
C TYR A 244 7.18 -10.69 -6.74
N SER A 245 7.13 -10.67 -5.41
CA SER A 245 8.25 -10.31 -4.62
C SER A 245 9.44 -11.22 -4.78
N LYS A 246 9.14 -12.51 -4.82
CA LYS A 246 10.18 -13.51 -4.87
C LYS A 246 10.60 -13.94 -6.28
N ASN A 247 9.63 -14.17 -7.14
CA ASN A 247 9.95 -14.60 -8.50
C ASN A 247 10.59 -13.52 -9.37
N PHE A 248 10.49 -12.24 -8.93
CA PHE A 248 11.09 -11.12 -9.63
C PHE A 248 12.13 -10.39 -8.78
N GLY A 249 12.37 -10.85 -7.55
CA GLY A 249 13.32 -10.19 -6.66
C GLY A 249 12.90 -8.74 -6.43
N LEU A 250 11.57 -8.45 -6.39
CA LEU A 250 11.07 -7.09 -6.27
C LEU A 250 10.49 -6.78 -4.91
N TYR A 251 10.97 -7.49 -3.91
CA TYR A 251 10.57 -7.39 -2.52
C TYR A 251 10.09 -6.03 -2.06
N ASN A 252 10.92 -5.00 -2.18
CA ASN A 252 10.51 -3.73 -1.66
C ASN A 252 9.62 -2.80 -2.48
N GLU A 253 9.30 -3.18 -3.71
CA GLU A 253 8.45 -2.37 -4.61
C GLU A 253 6.99 -2.69 -4.43
N ARG A 254 6.74 -3.77 -3.69
CA ARG A 254 5.41 -4.28 -3.26
C ARG A 254 4.52 -4.49 -4.43
N VAL A 255 4.71 -5.62 -5.10
CA VAL A 255 3.97 -5.97 -6.32
C VAL A 255 3.22 -7.26 -6.10
N GLY A 256 1.90 -7.21 -6.24
CA GLY A 256 1.12 -8.44 -6.07
C GLY A 256 -0.22 -8.21 -6.65
N ALA A 257 -1.09 -9.20 -6.54
CA ALA A 257 -2.41 -9.06 -7.07
C ALA A 257 -3.40 -9.90 -6.30
N CYS A 258 -4.67 -9.51 -6.44
CA CYS A 258 -5.78 -10.18 -5.82
C CYS A 258 -6.75 -10.47 -6.94
N THR A 259 -6.94 -11.75 -7.23
CA THR A 259 -7.86 -12.13 -8.29
C THR A 259 -9.15 -12.73 -7.73
N LEU A 260 -10.28 -12.23 -8.21
CA LEU A 260 -11.61 -12.67 -7.78
C LEU A 260 -12.27 -13.45 -8.92
N VAL A 261 -12.84 -14.63 -8.64
CA VAL A 261 -13.55 -15.44 -9.64
C VAL A 261 -14.98 -15.71 -9.24
N ALA A 262 -15.93 -15.59 -10.17
CA ALA A 262 -17.33 -15.85 -9.90
C ALA A 262 -17.89 -16.71 -10.99
N ALA A 263 -19.15 -17.12 -10.90
CA ALA A 263 -19.71 -17.99 -11.92
C ALA A 263 -19.92 -17.31 -13.22
N ASP A 264 -19.98 -16.01 -13.17
CA ASP A 264 -20.21 -15.32 -14.39
C ASP A 264 -19.68 -13.89 -14.41
N SER A 265 -19.64 -13.34 -15.61
CA SER A 265 -19.16 -12.00 -15.88
C SER A 265 -19.94 -10.98 -15.07
N GLU A 266 -21.27 -11.02 -15.20
CA GLU A 266 -22.05 -10.07 -14.45
C GLU A 266 -21.80 -10.13 -12.93
N THR A 267 -21.74 -11.33 -12.39
CA THR A 267 -21.51 -11.52 -11.00
C THR A 267 -20.14 -11.04 -10.57
N VAL A 268 -19.10 -11.47 -11.26
CA VAL A 268 -17.78 -11.00 -10.90
C VAL A 268 -17.73 -9.48 -11.00
N ASP A 269 -18.39 -8.92 -12.01
CA ASP A 269 -18.40 -7.48 -12.15
C ASP A 269 -18.95 -6.74 -10.92
N ARG A 270 -20.13 -7.15 -10.48
CA ARG A 270 -20.74 -6.54 -9.33
C ARG A 270 -19.88 -6.75 -8.09
N ALA A 271 -19.39 -7.99 -7.95
CA ALA A 271 -18.55 -8.32 -6.80
C ALA A 271 -17.28 -7.50 -6.73
N PHE A 272 -16.64 -7.31 -7.87
CA PHE A 272 -15.37 -6.59 -7.89
C PHE A 272 -15.56 -5.10 -7.63
N SER A 273 -16.77 -4.60 -7.86
CA SER A 273 -17.04 -3.19 -7.57
C SER A 273 -16.87 -2.91 -6.05
N GLN A 274 -17.27 -3.91 -5.23
CA GLN A 274 -17.14 -3.90 -3.78
C GLN A 274 -15.68 -4.07 -3.38
N MET A 275 -14.90 -4.86 -4.14
CA MET A 275 -13.47 -5.01 -3.85
C MET A 275 -12.81 -3.67 -4.05
N LYS A 276 -13.18 -2.99 -5.12
CA LYS A 276 -12.60 -1.70 -5.39
C LYS A 276 -12.94 -0.74 -4.28
N ALA A 277 -14.18 -0.77 -3.82
CA ALA A 277 -14.58 0.08 -2.70
C ALA A 277 -13.71 -0.21 -1.45
N ALA A 278 -13.39 -1.49 -1.20
CA ALA A 278 -12.55 -1.78 -0.05
C ALA A 278 -11.14 -1.19 -0.24
N ILE A 279 -10.67 -1.12 -1.47
CA ILE A 279 -9.34 -0.55 -1.73
C ILE A 279 -9.32 0.96 -1.53
N ARG A 280 -10.37 1.55 -2.04
CA ARG A 280 -10.56 2.97 -1.93
C ARG A 280 -10.47 3.44 -0.48
N ALA A 281 -11.04 2.63 0.41
CA ALA A 281 -11.06 2.94 1.82
C ALA A 281 -9.76 2.62 2.50
N ASN A 282 -8.80 2.08 1.73
CA ASN A 282 -7.50 1.68 2.24
C ASN A 282 -6.37 2.57 1.75
N TYR A 283 -5.69 2.15 0.66
CA TYR A 283 -4.58 2.95 0.14
C TYR A 283 -4.94 3.72 -1.15
N SER A 284 -6.20 3.62 -1.59
CA SER A 284 -6.70 4.32 -2.76
C SER A 284 -6.39 3.74 -4.19
N SER A 285 -5.09 3.66 -4.53
CA SER A 285 -4.66 3.12 -5.81
C SER A 285 -3.25 2.59 -5.60
N PRO A 286 -2.79 1.61 -6.39
CA PRO A 286 -1.48 0.97 -6.16
C PRO A 286 -0.23 1.69 -6.72
N PRO A 287 0.96 1.31 -6.19
CA PRO A 287 2.27 1.89 -6.56
C PRO A 287 2.66 1.39 -7.97
N ALA A 288 2.95 2.32 -8.89
CA ALA A 288 3.23 1.93 -10.26
C ALA A 288 4.56 1.21 -10.57
N HIS A 289 5.72 1.71 -10.06
CA HIS A 289 7.03 1.19 -10.37
C HIS A 289 7.17 -0.30 -10.59
N GLY A 290 7.13 -1.06 -9.51
CA GLY A 290 7.25 -2.50 -9.59
C GLY A 290 6.33 -3.18 -10.57
N ALA A 291 5.04 -2.86 -10.49
CA ALA A 291 4.11 -3.51 -11.37
C ALA A 291 4.37 -3.18 -12.87
N SER A 292 4.84 -1.97 -13.14
CA SER A 292 5.16 -1.58 -14.51
C SER A 292 6.37 -2.40 -14.96
N VAL A 293 7.25 -2.67 -14.03
CA VAL A 293 8.40 -3.48 -14.36
C VAL A 293 7.94 -4.87 -14.77
N VAL A 294 6.97 -5.44 -14.05
CA VAL A 294 6.45 -6.78 -14.32
C VAL A 294 5.68 -6.86 -15.62
N ALA A 295 4.91 -5.85 -15.88
CA ALA A 295 4.17 -5.91 -17.09
C ALA A 295 5.14 -5.76 -18.30
N THR A 296 6.17 -4.94 -18.09
CA THR A 296 7.15 -4.68 -19.12
C THR A 296 7.83 -5.96 -19.62
N ILE A 297 8.36 -6.70 -18.62
CA ILE A 297 9.04 -7.94 -18.83
C ILE A 297 8.16 -9.04 -19.38
N LEU A 298 6.91 -9.15 -18.89
CA LEU A 298 5.99 -10.21 -19.30
C LEU A 298 5.40 -10.00 -20.68
N SER A 299 5.37 -8.75 -21.07
CA SER A 299 4.81 -8.42 -22.34
C SER A 299 5.86 -8.34 -23.48
N ASN A 300 7.17 -8.44 -23.15
CA ASN A 300 8.29 -8.41 -24.11
C ASN A 300 9.00 -9.78 -24.20
N ASP A 301 8.96 -10.37 -25.36
CA ASP A 301 9.52 -11.65 -25.61
C ASP A 301 10.93 -11.87 -25.17
N ALA A 302 11.82 -10.94 -25.43
CA ALA A 302 13.18 -11.15 -25.03
C ALA A 302 13.42 -10.93 -23.55
N LEU A 303 12.76 -9.89 -22.99
CA LEU A 303 12.95 -9.65 -21.57
C LEU A 303 12.35 -10.87 -20.86
N ARG A 304 11.26 -11.36 -21.39
CA ARG A 304 10.66 -12.52 -20.77
C ARG A 304 11.54 -13.75 -20.79
N ALA A 305 12.35 -13.86 -21.81
CA ALA A 305 13.27 -14.98 -21.95
C ALA A 305 14.39 -14.90 -20.93
N ILE A 306 15.01 -13.72 -20.82
CA ILE A 306 16.09 -13.54 -19.84
C ILE A 306 15.60 -13.87 -18.40
N TRP A 307 14.38 -13.37 -18.12
CA TRP A 307 13.69 -13.55 -16.85
C TRP A 307 13.50 -15.01 -16.49
N GLU A 308 12.81 -15.77 -17.35
CA GLU A 308 12.60 -17.20 -17.06
C GLU A 308 13.88 -17.91 -16.74
N GLN A 309 14.95 -17.49 -17.35
CA GLN A 309 16.24 -18.14 -17.12
C GLN A 309 16.78 -17.73 -15.77
N GLU A 310 16.65 -16.45 -15.43
CA GLU A 310 17.12 -16.01 -14.13
C GLU A 310 16.41 -16.79 -13.00
N LEU A 311 15.09 -16.93 -13.15
CA LEU A 311 14.23 -17.67 -12.21
C LEU A 311 14.72 -19.13 -12.14
N THR A 312 14.93 -19.76 -13.31
CA THR A 312 15.46 -21.14 -13.30
C THR A 312 16.79 -21.23 -12.58
N ASP A 313 17.61 -20.20 -12.73
CA ASP A 313 18.90 -20.25 -12.07
C ASP A 313 18.76 -20.20 -10.54
N MET A 314 17.80 -19.36 -10.08
CA MET A 314 17.58 -19.20 -8.65
C MET A 314 17.15 -20.56 -8.08
N ARG A 315 16.13 -21.14 -8.70
CA ARG A 315 15.64 -22.44 -8.26
C ARG A 315 16.76 -23.48 -8.21
N GLN A 316 17.58 -23.44 -9.21
CA GLN A 316 18.65 -24.40 -9.26
C GLN A 316 19.70 -24.21 -8.22
N ARG A 317 20.02 -22.98 -7.94
CA ARG A 317 21.03 -22.75 -6.96
C ARG A 317 20.64 -23.25 -5.55
N ILE A 318 19.32 -23.13 -5.29
CA ILE A 318 18.73 -23.53 -4.02
C ILE A 318 18.76 -25.04 -3.84
N GLN A 319 18.30 -25.75 -4.87
CA GLN A 319 18.30 -27.21 -4.85
C GLN A 319 19.71 -27.69 -4.59
N ARG A 320 20.72 -26.91 -5.03
CA ARG A 320 22.12 -27.28 -4.85
C ARG A 320 22.59 -27.10 -3.41
N MET A 321 22.18 -25.97 -2.81
CA MET A 321 22.51 -25.67 -1.43
C MET A 321 21.84 -26.68 -0.48
N ARG A 322 20.65 -27.15 -0.90
CA ARG A 322 19.83 -28.14 -0.19
C ARG A 322 20.68 -29.41 0.03
N GLN A 323 21.09 -30.08 -1.08
CA GLN A 323 21.94 -31.24 -1.00
C GLN A 323 23.25 -30.99 -0.27
N LEU A 324 23.89 -29.86 -0.49
CA LEU A 324 25.14 -29.54 0.15
C LEU A 324 24.99 -29.39 1.67
N PHE A 325 23.80 -28.85 2.07
CA PHE A 325 23.43 -28.64 3.47
C PHE A 325 23.38 -29.99 4.15
N VAL A 326 22.56 -30.89 3.65
CA VAL A 326 22.53 -32.19 4.30
C VAL A 326 23.91 -32.88 4.32
N ASN A 327 24.57 -32.87 3.16
CA ASN A 327 25.87 -33.50 3.09
C ASN A 327 26.85 -33.01 4.11
N THR A 328 26.86 -31.73 4.30
CA THR A 328 27.78 -31.17 5.24
C THR A 328 27.41 -31.42 6.70
N LEU A 329 26.09 -31.49 6.99
CA LEU A 329 25.64 -31.75 8.33
C LEU A 329 26.24 -33.09 8.70
N GLN A 330 25.81 -34.11 7.95
CA GLN A 330 26.25 -35.49 8.11
C GLN A 330 27.75 -35.55 8.28
N GLU A 331 28.41 -35.21 7.22
CA GLU A 331 29.85 -35.23 7.25
C GLU A 331 30.46 -34.37 8.34
N LYS A 332 29.65 -33.65 9.07
CA LYS A 332 30.21 -32.80 10.11
C LYS A 332 29.96 -33.26 11.57
N GLY A 333 29.08 -34.24 11.76
CA GLY A 333 28.82 -34.67 13.11
C GLY A 333 27.36 -34.72 13.44
N ALA A 334 26.48 -34.37 12.66
CA ALA A 334 25.05 -34.45 13.13
C ALA A 334 24.60 -35.86 13.74
N ASN A 335 23.69 -35.84 14.77
CA ASN A 335 23.14 -37.09 15.37
C ASN A 335 21.94 -37.49 14.51
N ARG A 336 21.11 -36.51 14.28
CA ARG A 336 19.95 -36.75 13.48
C ARG A 336 20.30 -37.12 12.06
N ASP A 337 19.26 -37.48 11.32
CA ASP A 337 19.34 -37.74 9.92
C ASP A 337 18.47 -36.64 9.30
N PHE A 338 19.10 -35.71 8.58
CA PHE A 338 18.41 -34.57 7.99
C PHE A 338 17.98 -34.75 6.53
N SER A 339 18.07 -35.94 6.08
CA SER A 339 17.73 -36.31 4.74
C SER A 339 16.32 -35.93 4.31
N PHE A 340 15.36 -35.82 5.23
CA PHE A 340 14.02 -35.46 4.84
C PHE A 340 13.98 -34.06 4.23
N ILE A 341 15.01 -33.28 4.60
CA ILE A 341 15.13 -31.94 4.12
C ILE A 341 15.15 -31.89 2.60
N ILE A 342 15.80 -32.87 1.98
CA ILE A 342 15.86 -32.89 0.53
C ILE A 342 14.51 -32.93 -0.17
N LYS A 343 13.49 -33.38 0.53
CA LYS A 343 12.19 -33.50 -0.08
C LYS A 343 11.29 -32.27 -0.02
N GLN A 344 11.79 -31.18 0.51
CA GLN A 344 10.97 -29.96 0.61
C GLN A 344 11.22 -29.00 -0.56
N ASN A 345 10.18 -28.26 -0.99
CA ASN A 345 10.27 -27.27 -2.07
C ASN A 345 10.39 -25.81 -1.67
N GLY A 346 11.10 -25.02 -2.44
CA GLY A 346 11.17 -23.61 -2.15
C GLY A 346 12.45 -23.24 -1.45
N MET A 347 12.42 -22.10 -0.81
CA MET A 347 13.58 -21.55 -0.16
C MET A 347 14.01 -22.06 1.17
N PHE A 348 13.11 -22.77 1.87
CA PHE A 348 13.42 -23.11 3.25
C PHE A 348 13.41 -24.52 3.61
N SER A 349 13.93 -24.78 4.80
CA SER A 349 13.85 -26.08 5.39
C SER A 349 13.29 -26.00 6.84
N PHE A 350 12.24 -26.77 7.10
CA PHE A 350 11.63 -26.91 8.42
C PHE A 350 12.54 -27.97 9.02
N SER A 351 13.62 -27.50 9.61
CA SER A 351 14.70 -28.32 10.10
C SER A 351 14.46 -29.18 11.31
N GLY A 352 13.34 -29.01 11.98
CA GLY A 352 13.15 -29.81 13.18
C GLY A 352 13.99 -29.28 14.37
N LEU A 353 14.42 -28.02 14.32
CA LEU A 353 15.18 -27.48 15.43
C LEU A 353 14.22 -26.92 16.47
N THR A 354 14.65 -26.95 17.70
CA THR A 354 13.93 -26.48 18.87
C THR A 354 14.02 -24.95 19.09
N LYS A 355 12.98 -24.36 19.73
CA LYS A 355 13.00 -22.93 20.03
C LYS A 355 14.24 -22.53 20.77
N GLU A 356 14.67 -23.37 21.73
CA GLU A 356 15.85 -23.09 22.55
C GLU A 356 17.11 -23.26 21.73
N GLN A 357 17.02 -24.17 20.76
CA GLN A 357 18.12 -24.44 19.84
C GLN A 357 18.36 -23.22 18.95
N VAL A 358 17.31 -22.73 18.33
CA VAL A 358 17.50 -21.52 17.53
C VAL A 358 17.96 -20.27 18.32
N LEU A 359 17.47 -20.10 19.54
CA LEU A 359 17.84 -18.99 20.40
C LEU A 359 19.31 -19.01 20.65
N ARG A 360 19.80 -20.21 20.80
CA ARG A 360 21.20 -20.45 21.08
C ARG A 360 22.13 -20.20 19.88
N LEU A 361 21.72 -20.70 18.72
CA LEU A 361 22.48 -20.52 17.51
C LEU A 361 22.72 -19.02 17.32
N ARG A 362 21.68 -18.25 17.62
CA ARG A 362 21.69 -16.81 17.51
C ARG A 362 22.60 -16.14 18.53
N GLU A 363 22.39 -16.51 19.78
CA GLU A 363 23.09 -15.95 20.92
C GLU A 363 24.59 -16.22 20.92
N GLU A 364 24.94 -17.47 20.74
CA GLU A 364 26.27 -18.03 20.77
C GLU A 364 27.13 -17.99 19.52
N PHE A 365 26.49 -18.25 18.38
CA PHE A 365 27.18 -18.35 17.11
C PHE A 365 26.82 -17.32 16.07
N GLY A 366 25.87 -16.44 16.34
CA GLY A 366 25.51 -15.47 15.35
C GLY A 366 24.74 -16.01 14.13
N VAL A 367 24.15 -17.21 14.19
CA VAL A 367 23.34 -17.73 13.11
C VAL A 367 21.86 -17.37 13.40
N TYR A 368 21.10 -16.85 12.41
CA TYR A 368 19.72 -16.41 12.61
C TYR A 368 18.69 -17.22 11.89
N ALA A 369 17.80 -17.88 12.60
CA ALA A 369 16.77 -18.63 11.94
C ALA A 369 15.49 -18.14 12.58
N VAL A 370 14.36 -18.67 12.13
CA VAL A 370 13.04 -18.34 12.68
C VAL A 370 12.73 -19.32 13.81
N ALA A 371 12.10 -18.85 14.86
CA ALA A 371 11.80 -19.62 16.06
C ALA A 371 11.22 -21.00 15.81
N SER A 372 10.39 -21.10 14.79
CA SER A 372 9.81 -22.40 14.49
C SER A 372 10.82 -23.41 14.01
N GLY A 373 12.06 -22.96 13.80
CA GLY A 373 13.15 -23.81 13.31
C GLY A 373 13.30 -23.78 11.78
N ARG A 374 12.59 -22.85 11.10
CA ARG A 374 12.64 -22.64 9.66
C ARG A 374 13.92 -21.90 9.31
N VAL A 375 14.66 -22.50 8.39
CA VAL A 375 15.92 -21.96 7.90
C VAL A 375 15.80 -21.67 6.38
N ASN A 376 16.43 -20.55 5.97
CA ASN A 376 16.46 -20.10 4.56
C ASN A 376 17.62 -20.79 3.83
N VAL A 377 17.30 -21.77 2.98
CA VAL A 377 18.33 -22.45 2.21
C VAL A 377 18.97 -21.43 1.19
N ALA A 378 18.10 -20.60 0.61
CA ALA A 378 18.50 -19.57 -0.34
C ALA A 378 19.51 -18.58 0.27
N GLY A 379 19.74 -18.62 1.57
CA GLY A 379 20.68 -17.71 2.18
C GLY A 379 22.01 -18.44 2.38
N MET A 380 22.02 -19.68 1.98
CA MET A 380 23.24 -20.46 2.19
C MET A 380 24.22 -20.39 1.03
N THR A 381 25.49 -20.34 1.38
CA THR A 381 26.55 -20.34 0.38
C THR A 381 27.70 -21.25 0.73
N PRO A 382 28.36 -21.66 -0.33
CA PRO A 382 29.54 -22.53 -0.26
C PRO A 382 30.57 -22.04 0.72
N ASP A 383 30.60 -20.74 0.90
CA ASP A 383 31.51 -20.14 1.86
C ASP A 383 31.00 -20.12 3.31
N ASN A 384 29.66 -20.07 3.51
CA ASN A 384 29.14 -20.01 4.87
C ASN A 384 28.65 -21.37 5.39
N MET A 385 28.56 -22.34 4.49
CA MET A 385 28.12 -23.69 4.80
C MET A 385 28.82 -24.31 5.95
N ALA A 386 30.17 -24.22 5.97
CA ALA A 386 30.96 -24.85 7.02
C ALA A 386 30.68 -24.37 8.43
N PRO A 387 30.86 -23.12 8.61
CA PRO A 387 30.64 -22.56 9.90
C PRO A 387 29.17 -22.72 10.26
N LEU A 388 28.26 -22.70 9.33
CA LEU A 388 26.92 -22.81 9.83
C LEU A 388 26.57 -24.20 10.29
N CYS A 389 27.03 -25.18 9.54
CA CYS A 389 26.78 -26.57 9.84
C CYS A 389 27.34 -26.94 11.18
N GLU A 390 28.36 -26.25 11.57
CA GLU A 390 28.97 -26.49 12.84
C GLU A 390 28.19 -25.89 13.98
N ALA A 391 27.58 -24.75 13.73
CA ALA A 391 26.84 -24.13 14.74
C ALA A 391 25.72 -25.10 15.11
N ILE A 392 25.03 -25.58 14.09
CA ILE A 392 23.92 -26.50 14.27
C ILE A 392 24.35 -27.70 15.11
N VAL A 393 25.37 -28.36 14.62
CA VAL A 393 25.95 -29.52 15.25
C VAL A 393 26.19 -29.32 16.75
N ALA A 394 26.77 -28.20 17.09
CA ALA A 394 27.04 -27.85 18.46
C ALA A 394 25.80 -27.64 19.31
N VAL A 395 24.63 -27.55 18.73
CA VAL A 395 23.45 -27.32 19.55
C VAL A 395 22.53 -28.55 19.61
N LEU A 396 22.88 -29.57 18.83
CA LEU A 396 22.10 -30.80 18.78
C LEU A 396 22.16 -31.61 20.08
N MET B 1 -21.70 -17.71 -3.19
CA MET B 1 -21.27 -16.83 -2.14
C MET B 1 -21.36 -15.37 -2.52
N PHE B 2 -21.19 -15.06 -3.80
CA PHE B 2 -21.21 -13.69 -4.28
C PHE B 2 -22.48 -13.31 -5.02
N GLU B 3 -23.37 -14.29 -5.16
CA GLU B 3 -24.65 -14.14 -5.82
C GLU B 3 -25.41 -12.91 -5.37
N ASN B 4 -25.25 -12.63 -4.11
CA ASN B 4 -26.00 -11.57 -3.55
C ASN B 4 -25.34 -10.23 -3.44
N ILE B 5 -24.04 -10.17 -3.72
CA ILE B 5 -23.35 -8.93 -3.58
C ILE B 5 -24.00 -7.82 -4.34
N THR B 6 -24.01 -6.67 -3.70
CA THR B 6 -24.55 -5.49 -4.30
C THR B 6 -23.47 -4.56 -4.86
N ALA B 7 -23.79 -4.04 -6.05
CA ALA B 7 -22.92 -3.11 -6.75
C ALA B 7 -22.66 -1.81 -5.96
N ALA B 8 -21.39 -1.54 -5.64
CA ALA B 8 -20.99 -0.33 -4.91
C ALA B 8 -21.02 0.91 -5.81
N PRO B 9 -21.16 2.11 -5.28
CA PRO B 9 -21.13 3.21 -6.21
C PRO B 9 -19.65 3.50 -6.41
N ALA B 10 -19.31 4.24 -7.44
CA ALA B 10 -17.89 4.51 -7.69
C ALA B 10 -17.35 5.72 -6.98
N ASP B 11 -16.02 5.79 -6.97
CA ASP B 11 -15.30 6.89 -6.37
C ASP B 11 -15.62 8.16 -7.15
N PRO B 12 -16.39 9.07 -6.52
CA PRO B 12 -16.84 10.36 -7.06
C PRO B 12 -15.74 11.18 -7.80
N ILE B 13 -14.50 10.98 -7.38
CA ILE B 13 -13.38 11.67 -7.99
C ILE B 13 -12.67 10.78 -9.03
N LEU B 14 -12.10 9.68 -8.54
CA LEU B 14 -11.39 8.75 -9.40
C LEU B 14 -12.26 8.11 -10.46
N GLY B 15 -13.56 8.01 -10.19
CA GLY B 15 -14.47 7.37 -11.09
C GLY B 15 -14.73 8.28 -12.25
N LEU B 16 -14.56 9.55 -11.96
CA LEU B 16 -14.73 10.56 -12.94
C LEU B 16 -13.70 10.33 -14.02
N ALA B 17 -12.54 9.81 -13.59
CA ALA B 17 -11.44 9.52 -14.54
C ALA B 17 -11.82 8.51 -15.62
N ASP B 18 -12.59 7.52 -15.27
CA ASP B 18 -13.04 6.55 -16.24
C ASP B 18 -14.06 7.18 -17.18
N LEU B 19 -14.97 7.99 -16.59
CA LEU B 19 -15.95 8.65 -17.39
C LEU B 19 -15.21 9.42 -18.47
N PHE B 20 -14.19 10.13 -18.01
CA PHE B 20 -13.35 10.94 -18.86
C PHE B 20 -12.67 10.17 -19.95
N ARG B 21 -12.01 9.10 -19.55
CA ARG B 21 -11.32 8.26 -20.49
C ARG B 21 -12.24 7.52 -21.47
N ALA B 22 -13.55 7.65 -21.35
CA ALA B 22 -14.47 7.00 -22.26
C ALA B 22 -15.12 7.92 -23.30
N ASP B 23 -15.15 9.25 -23.11
CA ASP B 23 -15.79 10.01 -24.19
C ASP B 23 -14.90 9.99 -25.37
N GLU B 24 -15.54 9.98 -26.50
CA GLU B 24 -14.85 10.02 -27.74
C GLU B 24 -14.91 11.38 -28.35
N ARG B 25 -15.37 12.35 -27.57
CA ARG B 25 -15.47 13.72 -28.00
C ARG B 25 -14.08 14.33 -28.17
N PRO B 26 -13.94 15.16 -29.20
CA PRO B 26 -12.69 15.79 -29.56
C PRO B 26 -12.12 16.74 -28.51
N GLY B 27 -12.87 17.79 -28.19
CA GLY B 27 -12.33 18.77 -27.25
C GLY B 27 -12.61 18.61 -25.77
N LYS B 28 -12.70 17.40 -25.28
CA LYS B 28 -12.96 17.19 -23.88
C LYS B 28 -11.93 17.88 -22.94
N ILE B 29 -12.39 18.46 -21.83
CA ILE B 29 -11.51 19.14 -20.88
C ILE B 29 -11.66 18.52 -19.49
N ASN B 30 -10.57 18.10 -18.90
CA ASN B 30 -10.61 17.48 -17.60
C ASN B 30 -10.26 18.46 -16.49
N LEU B 31 -11.28 18.88 -15.74
CA LEU B 31 -11.08 19.79 -14.61
C LEU B 31 -11.41 19.03 -13.34
N GLY B 32 -11.38 17.69 -13.47
CA GLY B 32 -11.72 16.76 -12.42
C GLY B 32 -10.71 16.65 -11.29
N ILE B 33 -10.08 15.49 -11.22
CA ILE B 33 -9.10 15.09 -10.23
C ILE B 33 -7.93 16.09 -10.17
N GLY B 34 -7.37 16.24 -8.97
CA GLY B 34 -6.31 17.19 -8.67
C GLY B 34 -4.91 16.83 -9.16
N LEU B 35 -4.71 16.96 -10.46
CA LEU B 35 -3.40 16.73 -11.05
C LEU B 35 -2.92 18.09 -11.54
N TYR B 36 -1.63 18.27 -11.50
CA TYR B 36 -1.03 19.47 -11.98
C TYR B 36 -0.68 19.28 -13.46
N TYR B 37 -1.24 20.14 -14.32
CA TYR B 37 -0.95 20.08 -15.74
C TYR B 37 -0.03 21.30 -16.11
N ASP B 38 0.72 21.20 -17.22
CA ASP B 38 1.54 22.32 -17.65
C ASP B 38 0.88 23.05 -18.82
N GLU B 39 1.52 24.13 -19.28
CA GLU B 39 1.04 24.99 -20.40
C GLU B 39 0.66 24.20 -21.60
N THR B 40 1.40 23.13 -21.81
CA THR B 40 1.09 22.36 -22.96
C THR B 40 0.03 21.34 -22.73
N GLY B 41 -0.61 21.31 -21.57
CA GLY B 41 -1.66 20.30 -21.41
C GLY B 41 -1.17 18.94 -20.92
N LYS B 42 0.03 18.90 -20.38
CA LYS B 42 0.44 17.63 -19.89
C LYS B 42 0.83 17.51 -18.42
N ILE B 43 0.92 16.29 -17.88
CA ILE B 43 1.22 15.91 -16.51
C ILE B 43 2.57 15.27 -16.44
N PRO B 44 3.52 16.15 -16.51
CA PRO B 44 4.93 15.81 -16.51
C PRO B 44 5.54 15.21 -15.25
N VAL B 45 6.65 14.56 -15.48
CA VAL B 45 7.46 14.08 -14.43
C VAL B 45 8.43 15.25 -14.15
N LEU B 46 8.61 15.65 -12.93
CA LEU B 46 9.52 16.71 -12.66
C LEU B 46 10.97 16.37 -13.04
N THR B 47 11.79 17.40 -13.34
CA THR B 47 13.18 17.08 -13.69
C THR B 47 14.02 16.53 -12.56
N SER B 48 13.87 17.12 -11.39
CA SER B 48 14.62 16.66 -10.21
C SER B 48 14.34 15.18 -9.96
N VAL B 49 13.09 14.76 -10.20
CA VAL B 49 12.66 13.39 -10.02
C VAL B 49 13.40 12.44 -11.01
N LYS B 50 13.31 12.77 -12.36
CA LYS B 50 13.98 12.00 -13.43
C LYS B 50 15.47 11.87 -13.09
N LYS B 51 16.01 12.93 -12.54
CA LYS B 51 17.40 12.95 -12.12
C LYS B 51 17.62 11.92 -11.00
N ALA B 52 16.73 11.95 -10.02
CA ALA B 52 16.78 11.07 -8.88
C ALA B 52 16.71 9.63 -9.34
N GLU B 53 15.76 9.40 -10.25
CA GLU B 53 15.54 8.09 -10.84
C GLU B 53 16.78 7.52 -11.53
N GLN B 54 17.50 8.43 -12.21
CA GLN B 54 18.68 7.99 -12.89
C GLN B 54 19.70 7.52 -11.88
N TYR B 55 19.81 8.27 -10.82
CA TYR B 55 20.71 7.97 -9.71
C TYR B 55 20.45 6.58 -9.11
N LEU B 56 19.13 6.30 -8.93
CA LEU B 56 18.66 5.03 -8.36
C LEU B 56 19.05 3.85 -9.26
N LEU B 57 18.73 3.99 -10.55
CA LEU B 57 19.04 2.98 -11.55
C LEU B 57 20.51 2.58 -11.47
N GLU B 58 21.41 3.56 -11.44
CA GLU B 58 22.83 3.27 -11.41
C GLU B 58 23.37 2.80 -10.10
N ASN B 59 22.84 3.30 -8.98
CA ASN B 59 23.39 2.95 -7.68
C ASN B 59 22.69 1.86 -6.86
N GLU B 60 21.42 1.57 -7.13
CA GLU B 60 20.77 0.54 -6.34
C GLU B 60 21.37 -0.81 -6.61
N THR B 61 21.70 -1.55 -5.52
CA THR B 61 22.25 -2.89 -5.68
C THR B 61 21.31 -4.02 -5.16
N THR B 62 20.14 -3.63 -4.57
CA THR B 62 19.19 -4.60 -4.03
C THR B 62 17.77 -4.09 -3.90
N LYS B 63 16.82 -5.02 -3.81
CA LYS B 63 15.40 -4.70 -3.63
C LYS B 63 14.85 -5.21 -2.28
N LEU B 64 15.80 -5.62 -1.41
CA LEU B 64 15.61 -6.05 0.00
C LEU B 64 14.36 -5.39 0.64
N TYR B 65 13.56 -6.12 1.40
CA TYR B 65 12.39 -5.51 2.04
C TYR B 65 12.80 -4.31 2.91
N LEU B 66 11.99 -3.23 2.88
CA LEU B 66 12.28 -2.14 3.79
C LEU B 66 11.77 -2.59 5.19
N GLY B 67 12.07 -1.83 6.27
CA GLY B 67 11.55 -2.12 7.61
C GLY B 67 10.10 -1.63 7.58
N ILE B 68 9.20 -2.13 8.42
CA ILE B 68 7.79 -1.75 8.40
C ILE B 68 7.52 -0.26 8.26
N ASP B 69 8.42 0.51 8.86
CA ASP B 69 8.26 1.96 8.85
C ASP B 69 8.96 2.70 7.71
N GLY B 70 9.56 1.93 6.80
CA GLY B 70 10.24 2.46 5.65
C GLY B 70 11.69 2.94 5.86
N ILE B 71 12.12 3.85 4.94
CA ILE B 71 13.44 4.46 4.90
C ILE B 71 13.61 5.51 5.96
N PRO B 72 14.54 5.27 6.86
CA PRO B 72 14.82 6.15 7.95
C PRO B 72 15.11 7.58 7.57
N GLU B 73 15.93 7.75 6.56
CA GLU B 73 16.26 9.12 6.16
C GLU B 73 15.04 9.85 5.60
N PHE B 74 14.08 9.07 5.09
CA PHE B 74 12.86 9.66 4.56
C PHE B 74 12.07 10.18 5.72
N GLY B 75 12.21 9.49 6.83
CA GLY B 75 11.54 9.85 8.08
C GLY B 75 12.04 11.17 8.64
N ARG B 76 13.35 11.32 8.65
CA ARG B 76 14.04 12.52 9.14
C ARG B 76 13.60 13.75 8.40
N CYS B 77 13.73 13.61 7.08
CA CYS B 77 13.42 14.64 6.11
C CYS B 77 12.00 15.10 6.25
N THR B 78 11.09 14.12 6.41
CA THR B 78 9.69 14.48 6.59
C THR B 78 9.43 15.43 7.77
N GLN B 79 10.03 15.04 8.93
CA GLN B 79 9.96 15.77 10.22
C GLN B 79 10.46 17.20 10.15
N GLU B 80 11.62 17.42 9.53
CA GLU B 80 12.12 18.81 9.38
C GLU B 80 11.18 19.60 8.49
N LEU B 81 10.74 19.00 7.41
CA LEU B 81 9.82 19.66 6.54
C LEU B 81 8.57 20.08 7.29
N LEU B 82 8.17 19.16 8.15
CA LEU B 82 6.97 19.26 8.94
C LEU B 82 7.09 20.22 10.11
N PHE B 83 8.11 20.05 10.93
CA PHE B 83 8.23 20.82 12.16
C PHE B 83 9.25 21.95 12.24
N GLY B 84 10.23 22.01 11.34
CA GLY B 84 11.19 23.09 11.41
C GLY B 84 12.58 22.60 11.64
N LYS B 85 13.56 23.39 11.19
CA LYS B 85 14.98 23.12 11.26
C LYS B 85 15.41 22.40 12.48
N GLY B 86 15.23 23.04 13.62
CA GLY B 86 15.66 22.38 14.87
C GLY B 86 14.58 22.30 15.93
N SER B 87 13.35 21.99 15.53
CA SER B 87 12.22 21.89 16.41
C SER B 87 12.55 21.01 17.59
N ALA B 88 11.79 21.21 18.62
CA ALA B 88 11.98 20.46 19.83
C ALA B 88 11.36 19.07 19.75
N LEU B 89 10.32 18.92 18.92
CA LEU B 89 9.68 17.63 18.78
C LEU B 89 10.76 16.68 18.34
N ILE B 90 11.61 17.26 17.49
CA ILE B 90 12.70 16.53 16.92
C ILE B 90 13.77 16.39 17.93
N ASN B 91 14.11 17.50 18.56
CA ASN B 91 15.15 17.44 19.56
C ASN B 91 14.80 16.54 20.72
N ASP B 92 13.55 16.59 21.14
CA ASP B 92 13.14 15.77 22.25
C ASP B 92 12.79 14.37 21.82
N LYS B 93 12.96 14.07 20.53
CA LYS B 93 12.65 12.74 20.05
C LYS B 93 11.22 12.34 20.39
N ARG B 94 10.34 13.27 20.24
CA ARG B 94 8.95 13.03 20.59
C ARG B 94 8.09 12.54 19.43
N ALA B 95 8.68 12.41 18.23
CA ALA B 95 7.94 12.07 17.01
C ALA B 95 8.45 10.85 16.31
N ARG B 96 7.54 10.02 15.80
CA ARG B 96 7.93 8.83 15.09
C ARG B 96 7.24 8.86 13.73
N THR B 97 7.94 8.52 12.66
CA THR B 97 7.31 8.57 11.33
C THR B 97 7.42 7.25 10.60
N ALA B 98 6.31 6.84 10.02
CA ALA B 98 6.24 5.68 9.19
C ALA B 98 5.92 6.11 7.74
N GLN B 99 6.68 5.60 6.77
CA GLN B 99 6.45 5.84 5.35
C GLN B 99 5.28 4.97 4.98
N THR B 100 4.29 5.50 4.22
CA THR B 100 3.10 4.73 3.87
C THR B 100 2.75 4.84 2.40
N PRO B 101 1.82 4.02 1.90
CA PRO B 101 1.43 4.18 0.51
C PRO B 101 0.53 5.40 0.33
N GLY B 102 1.17 6.56 0.13
CA GLY B 102 0.40 7.79 -0.04
C GLY B 102 -0.13 8.34 1.30
N GLY B 103 -0.73 9.53 1.27
CA GLY B 103 -1.36 10.08 2.46
C GLY B 103 -2.74 9.37 2.64
N SER B 104 -3.20 8.71 1.60
CA SER B 104 -4.44 7.98 1.70
C SER B 104 -4.19 6.81 2.66
N GLY B 105 -3.04 6.15 2.47
CA GLY B 105 -2.64 5.03 3.30
C GLY B 105 -2.28 5.44 4.74
N ALA B 106 -1.73 6.63 4.89
CA ALA B 106 -1.42 7.13 6.21
C ALA B 106 -2.74 7.39 6.94
N LEU B 107 -3.79 7.78 6.22
CA LEU B 107 -5.10 8.04 6.82
C LEU B 107 -5.63 6.73 7.36
N ARG B 108 -5.62 5.67 6.52
CA ARG B 108 -6.08 4.35 6.97
C ARG B 108 -5.29 3.83 8.16
N VAL B 109 -3.96 4.00 8.13
CA VAL B 109 -3.11 3.55 9.18
C VAL B 109 -3.44 4.23 10.50
N ALA B 110 -3.63 5.53 10.47
CA ALA B 110 -3.98 6.27 11.67
C ALA B 110 -5.33 5.78 12.22
N ALA B 111 -6.30 5.56 11.34
CA ALA B 111 -7.64 5.11 11.72
C ALA B 111 -7.66 3.76 12.43
N ASP B 112 -6.89 2.80 11.89
CA ASP B 112 -6.80 1.47 12.41
C ASP B 112 -6.10 1.53 13.76
N PHE B 113 -5.07 2.33 13.87
CA PHE B 113 -4.33 2.46 15.12
C PHE B 113 -5.19 3.04 16.23
N LEU B 114 -5.97 4.07 15.91
CA LEU B 114 -6.84 4.79 16.81
C LEU B 114 -7.95 3.87 17.29
N ALA B 115 -8.60 3.25 16.34
CA ALA B 115 -9.68 2.36 16.67
C ALA B 115 -9.26 1.17 17.50
N LYS B 116 -8.01 0.80 17.47
CA LYS B 116 -7.62 -0.38 18.20
C LYS B 116 -6.89 -0.13 19.51
N ASN B 117 -6.24 0.99 19.65
CA ASN B 117 -5.45 1.25 20.83
C ASN B 117 -5.90 2.41 21.69
N THR B 118 -7.02 3.01 21.32
CA THR B 118 -7.52 4.17 22.04
C THR B 118 -9.00 4.04 22.20
N SER B 119 -9.58 5.03 22.89
CA SER B 119 -11.00 5.02 23.12
C SER B 119 -11.75 5.94 22.16
N VAL B 120 -11.10 6.34 21.08
CA VAL B 120 -11.76 7.18 20.10
C VAL B 120 -12.96 6.47 19.50
N LYS B 121 -14.08 7.19 19.34
CA LYS B 121 -15.31 6.65 18.73
C LYS B 121 -15.73 7.54 17.57
N ARG B 122 -15.38 8.83 17.66
CA ARG B 122 -15.73 9.75 16.59
C ARG B 122 -14.61 10.64 16.09
N VAL B 123 -14.78 10.94 14.78
CA VAL B 123 -13.94 11.87 14.03
C VAL B 123 -14.72 13.01 13.41
N TRP B 124 -14.26 14.20 13.64
CA TRP B 124 -14.98 15.37 13.12
C TRP B 124 -14.30 15.90 11.88
N VAL B 125 -15.09 16.03 10.86
CA VAL B 125 -14.56 16.58 9.64
C VAL B 125 -15.33 17.81 9.21
N SER B 126 -14.64 18.63 8.46
CA SER B 126 -15.21 19.85 7.93
C SER B 126 -16.30 19.62 6.89
N ASN B 127 -17.21 20.58 6.84
CA ASN B 127 -18.23 20.56 5.85
C ASN B 127 -18.01 21.81 4.99
N PRO B 128 -17.75 21.65 3.69
CA PRO B 128 -17.71 20.35 3.04
C PRO B 128 -16.39 19.71 3.28
N SER B 129 -16.27 18.42 3.00
CA SER B 129 -14.97 17.73 3.16
C SER B 129 -14.59 16.89 1.93
N TRP B 130 -13.36 16.38 1.95
CA TRP B 130 -12.82 15.53 0.94
C TRP B 130 -13.57 14.17 1.06
N PRO B 131 -14.24 13.73 0.01
CA PRO B 131 -15.03 12.52 0.08
C PRO B 131 -14.44 11.28 0.71
N ASN B 132 -13.18 11.05 0.54
CA ASN B 132 -12.63 9.84 1.07
C ASN B 132 -12.39 9.86 2.57
N HIS B 133 -12.59 11.01 3.20
CA HIS B 133 -12.35 11.06 4.62
C HIS B 133 -13.33 10.13 5.34
N LYS B 134 -14.58 10.20 4.85
CA LYS B 134 -15.65 9.40 5.41
C LYS B 134 -15.51 7.87 5.28
N SER B 135 -15.08 7.41 4.08
CA SER B 135 -14.86 5.99 3.80
C SER B 135 -13.77 5.42 4.64
N VAL B 136 -12.62 6.10 4.68
CA VAL B 136 -11.47 5.60 5.48
C VAL B 136 -11.92 5.35 6.92
N PHE B 137 -12.45 6.44 7.54
CA PHE B 137 -12.85 6.42 8.93
C PHE B 137 -13.92 5.38 9.23
N ASN B 138 -14.99 5.39 8.48
CA ASN B 138 -16.02 4.41 8.70
C ASN B 138 -15.47 2.99 8.62
N SER B 139 -14.44 2.84 7.81
CA SER B 139 -13.89 1.54 7.61
C SER B 139 -13.28 0.94 8.80
N ALA B 140 -12.69 1.80 9.62
CA ALA B 140 -12.05 1.39 10.86
C ALA B 140 -13.09 1.27 11.96
N GLY B 141 -14.35 1.51 11.60
CA GLY B 141 -15.40 1.44 12.60
C GLY B 141 -15.61 2.74 13.35
N LEU B 142 -15.01 3.83 12.92
CA LEU B 142 -15.18 5.08 13.59
C LEU B 142 -16.37 5.86 13.02
N GLU B 143 -16.95 6.76 13.83
CA GLU B 143 -18.06 7.57 13.38
C GLU B 143 -17.57 8.94 12.92
N VAL B 144 -18.17 9.41 11.83
CA VAL B 144 -17.80 10.66 11.23
C VAL B 144 -18.90 11.68 11.35
N ARG B 145 -18.57 12.81 11.98
CA ARG B 145 -19.49 13.89 12.16
C ARG B 145 -18.87 15.14 11.55
N GLU B 146 -19.70 16.06 11.16
CA GLU B 146 -19.22 17.26 10.54
C GLU B 146 -19.36 18.55 11.30
N TYR B 147 -18.38 19.40 11.08
CA TYR B 147 -18.37 20.71 11.63
C TYR B 147 -18.48 21.78 10.57
N ALA B 148 -19.22 22.85 10.90
CA ALA B 148 -19.42 24.00 10.00
C ALA B 148 -18.09 24.66 9.62
N TYR B 149 -18.01 25.12 8.36
CA TYR B 149 -16.75 25.69 7.90
C TYR B 149 -16.86 26.78 6.86
N TYR B 150 -17.51 26.45 5.80
CA TYR B 150 -17.51 27.37 4.69
C TYR B 150 -18.70 28.29 4.59
N ASP B 151 -18.47 29.59 4.45
CA ASP B 151 -19.63 30.44 4.29
C ASP B 151 -20.02 30.66 2.83
N ALA B 152 -20.96 29.85 2.41
CA ALA B 152 -21.40 29.83 1.02
C ALA B 152 -21.87 31.12 0.45
N GLU B 153 -22.58 31.93 1.22
CA GLU B 153 -23.05 33.19 0.69
C GLU B 153 -21.95 34.18 0.56
N ASN B 154 -20.95 34.06 1.39
CA ASN B 154 -19.89 35.04 1.39
C ASN B 154 -18.51 34.53 0.99
N HIS B 155 -18.46 33.25 0.65
CA HIS B 155 -17.22 32.63 0.25
C HIS B 155 -16.17 32.87 1.26
N THR B 156 -16.46 32.50 2.48
CA THR B 156 -15.48 32.69 3.53
C THR B 156 -15.57 31.61 4.51
N LEU B 157 -14.57 31.63 5.35
CA LEU B 157 -14.43 30.77 6.49
C LEU B 157 -15.33 31.39 7.57
N ASP B 158 -16.46 30.72 7.88
CA ASP B 158 -17.37 31.14 8.95
C ASP B 158 -16.82 30.63 10.32
N PHE B 159 -15.89 31.39 10.93
CA PHE B 159 -15.25 31.04 12.20
C PHE B 159 -16.18 30.61 13.34
N ASP B 160 -16.95 31.54 13.87
CA ASP B 160 -17.81 31.21 14.99
C ASP B 160 -18.81 30.13 14.70
N ALA B 161 -19.21 29.98 13.45
CA ALA B 161 -20.11 28.89 13.16
C ALA B 161 -19.32 27.57 13.26
N LEU B 162 -18.02 27.68 12.96
CA LEU B 162 -17.11 26.56 13.02
C LEU B 162 -16.94 26.19 14.48
N ILE B 163 -16.54 27.21 15.23
CA ILE B 163 -16.31 27.12 16.66
C ILE B 163 -17.54 26.63 17.46
N ASN B 164 -18.72 27.10 17.08
CA ASN B 164 -19.90 26.67 17.76
C ASN B 164 -20.25 25.24 17.45
N SER B 165 -19.85 24.79 16.27
CA SER B 165 -20.07 23.43 15.83
C SER B 165 -19.27 22.46 16.67
N LEU B 166 -17.98 22.79 16.82
CA LEU B 166 -17.01 21.98 17.53
C LEU B 166 -17.19 21.95 19.03
N ASN B 167 -18.09 22.79 19.49
CA ASN B 167 -18.36 22.86 20.92
C ASN B 167 -19.13 21.64 21.36
N GLU B 168 -19.55 20.87 20.37
CA GLU B 168 -20.35 19.68 20.57
C GLU B 168 -19.50 18.41 20.63
N ALA B 169 -18.23 18.61 20.30
CA ALA B 169 -17.25 17.57 20.26
C ALA B 169 -16.70 17.33 21.65
N GLN B 170 -16.70 16.08 22.08
CA GLN B 170 -16.21 15.68 23.38
C GLN B 170 -14.73 15.54 23.54
N ALA B 171 -14.32 15.61 24.80
CA ALA B 171 -12.93 15.46 25.10
C ALA B 171 -12.58 14.05 24.66
N GLY B 172 -11.43 13.87 24.01
CA GLY B 172 -11.11 12.54 23.55
C GLY B 172 -11.63 12.32 22.11
N ASP B 173 -12.40 13.26 21.55
CA ASP B 173 -12.82 13.11 20.16
C ASP B 173 -11.65 13.46 19.19
N VAL B 174 -11.72 12.98 17.96
CA VAL B 174 -10.69 13.35 17.01
C VAL B 174 -11.15 14.50 16.10
N VAL B 175 -10.30 15.56 15.98
CA VAL B 175 -10.69 16.62 15.09
C VAL B 175 -9.71 16.68 13.89
N LEU B 176 -10.27 16.56 12.66
CA LEU B 176 -9.45 16.56 11.45
C LEU B 176 -9.39 17.94 10.81
N PHE B 177 -8.15 18.43 10.67
CA PHE B 177 -7.84 19.70 10.02
C PHE B 177 -6.97 19.49 8.74
N HIS B 178 -7.25 20.31 7.67
CA HIS B 178 -6.42 20.30 6.46
C HIS B 178 -5.33 21.33 6.72
N GLY B 179 -4.05 20.96 6.60
CA GLY B 179 -2.88 21.81 6.85
C GLY B 179 -2.85 23.17 6.13
N CYS B 180 -3.23 23.18 4.85
CA CYS B 180 -3.27 24.35 3.99
C CYS B 180 -3.98 23.92 2.73
N CYS B 181 -4.49 24.84 1.97
CA CYS B 181 -5.18 24.47 0.74
C CYS B 181 -6.34 23.57 1.02
N HIS B 182 -7.29 24.05 1.80
CA HIS B 182 -8.47 23.28 2.12
C HIS B 182 -9.12 22.69 0.85
N ASN B 183 -9.31 21.38 0.86
CA ASN B 183 -9.94 20.70 -0.27
C ASN B 183 -11.36 20.30 0.14
N PRO B 184 -12.39 20.81 -0.54
CA PRO B 184 -12.32 21.54 -1.78
C PRO B 184 -12.47 23.04 -1.78
N THR B 185 -12.56 23.72 -0.63
CA THR B 185 -12.81 25.17 -0.64
C THR B 185 -11.68 26.10 -1.02
N GLY B 186 -10.46 25.74 -0.69
CA GLY B 186 -9.37 26.62 -0.98
C GLY B 186 -9.23 27.63 0.14
N ILE B 187 -10.18 27.69 1.08
CA ILE B 187 -10.12 28.66 2.20
C ILE B 187 -9.43 28.16 3.47
N ASP B 188 -8.36 28.80 3.90
CA ASP B 188 -7.63 28.39 5.08
C ASP B 188 -7.72 29.39 6.27
N PRO B 189 -7.58 28.91 7.50
CA PRO B 189 -7.56 29.83 8.60
C PRO B 189 -6.32 30.72 8.53
N THR B 190 -6.41 31.85 9.24
CA THR B 190 -5.34 32.82 9.39
C THR B 190 -4.38 32.23 10.40
N LEU B 191 -3.20 32.79 10.55
CA LEU B 191 -2.35 32.31 11.61
C LEU B 191 -3.02 32.54 12.98
N GLU B 192 -3.74 33.65 13.06
CA GLU B 192 -4.47 33.98 14.27
C GLU B 192 -5.53 32.98 14.57
N GLN B 193 -6.36 32.69 13.56
CA GLN B 193 -7.43 31.74 13.74
C GLN B 193 -6.91 30.34 14.10
N TRP B 194 -5.69 30.06 13.63
CA TRP B 194 -5.05 28.79 13.88
C TRP B 194 -4.61 28.69 15.35
N GLN B 195 -4.11 29.83 15.85
CA GLN B 195 -3.66 29.94 17.22
C GLN B 195 -4.86 29.78 18.16
N THR B 196 -5.99 30.31 17.75
CA THR B 196 -7.20 30.20 18.56
C THR B 196 -7.66 28.75 18.64
N LEU B 197 -7.82 28.12 17.46
CA LEU B 197 -8.19 26.73 17.39
C LEU B 197 -7.18 25.88 18.16
N ALA B 198 -5.93 26.24 18.18
CA ALA B 198 -4.99 25.43 18.92
C ALA B 198 -5.19 25.53 20.42
N GLN B 199 -5.44 26.75 20.90
CA GLN B 199 -5.64 26.98 22.33
C GLN B 199 -6.85 26.24 22.83
N LEU B 200 -7.90 26.43 22.07
CA LEU B 200 -9.18 25.83 22.32
C LEU B 200 -9.21 24.31 22.37
N SER B 201 -8.56 23.65 21.41
CA SER B 201 -8.52 22.20 21.32
C SER B 201 -7.74 21.59 22.49
N VAL B 202 -6.78 22.36 23.02
CA VAL B 202 -6.05 21.95 24.21
C VAL B 202 -7.04 22.00 25.42
N GLU B 203 -7.78 23.09 25.53
CA GLU B 203 -8.72 23.18 26.62
C GLU B 203 -9.84 22.15 26.53
N LYS B 204 -10.39 21.97 25.34
CA LYS B 204 -11.49 21.05 25.10
C LYS B 204 -11.13 19.55 25.14
N GLY B 205 -9.86 19.17 24.96
CA GLY B 205 -9.53 17.74 25.06
C GLY B 205 -9.65 16.94 23.78
N TRP B 206 -9.43 17.60 22.65
CA TRP B 206 -9.48 16.98 21.33
C TRP B 206 -8.10 16.55 20.85
N LEU B 207 -8.06 15.41 20.10
CA LEU B 207 -6.83 14.86 19.49
C LEU B 207 -6.80 15.37 18.05
N PRO B 208 -5.80 16.14 17.74
CA PRO B 208 -5.87 16.68 16.41
C PRO B 208 -5.18 15.79 15.37
N LEU B 209 -5.79 15.71 14.20
CA LEU B 209 -5.26 14.94 13.08
C LEU B 209 -5.24 15.86 11.85
N PHE B 210 -4.03 16.06 11.34
CA PHE B 210 -3.80 16.91 10.18
C PHE B 210 -3.66 16.11 8.89
N ASP B 211 -4.42 16.48 7.87
CA ASP B 211 -4.28 15.91 6.55
C ASP B 211 -3.52 17.02 5.81
N PHE B 212 -2.19 16.81 5.57
CA PHE B 212 -1.28 17.78 4.95
C PHE B 212 -0.75 17.31 3.59
N ALA B 213 -1.55 17.47 2.57
CA ALA B 213 -1.19 16.96 1.26
C ALA B 213 -0.68 18.01 0.31
N TYR B 214 -0.77 19.27 0.73
CA TYR B 214 -0.43 20.38 -0.14
C TYR B 214 0.69 21.30 0.30
N GLN B 215 1.68 20.82 1.07
CA GLN B 215 2.73 21.71 1.49
C GLN B 215 3.47 22.36 0.33
N GLY B 216 3.49 23.72 0.30
CA GLY B 216 4.19 24.48 -0.74
C GLY B 216 3.27 25.06 -1.83
N PHE B 217 2.01 24.74 -1.82
CA PHE B 217 1.15 25.27 -2.85
C PHE B 217 0.37 26.48 -2.42
N ALA B 218 0.48 26.84 -1.13
CA ALA B 218 -0.26 28.01 -0.71
C ALA B 218 0.61 29.26 -0.83
N ARG B 219 1.62 29.32 -0.01
CA ARG B 219 2.53 30.46 -0.01
C ARG B 219 3.96 29.99 -0.05
N GLY B 220 4.22 28.81 0.49
CA GLY B 220 5.57 28.26 0.50
C GLY B 220 5.67 27.08 1.46
N LEU B 221 6.78 26.40 1.43
CA LEU B 221 7.04 25.25 2.28
C LEU B 221 6.88 25.67 3.73
N GLU B 222 7.90 26.30 4.27
CA GLU B 222 7.88 26.74 5.63
C GLU B 222 6.62 27.52 6.04
N GLU B 223 6.00 28.30 5.15
CA GLU B 223 4.85 29.03 5.64
C GLU B 223 3.56 28.30 5.65
N ASP B 224 3.52 27.25 4.86
CA ASP B 224 2.31 26.48 4.78
C ASP B 224 2.18 25.57 6.00
N ALA B 225 3.29 25.46 6.73
CA ALA B 225 3.35 24.62 7.91
C ALA B 225 3.03 25.32 9.25
N GLU B 226 2.75 26.62 9.22
CA GLU B 226 2.47 27.44 10.40
C GLU B 226 1.38 26.97 11.35
N GLY B 227 0.20 26.69 10.80
CA GLY B 227 -0.94 26.21 11.59
C GLY B 227 -0.53 24.94 12.34
N LEU B 228 -0.04 23.96 11.58
CA LEU B 228 0.41 22.74 12.16
C LEU B 228 1.45 23.03 13.22
N ARG B 229 2.40 23.89 12.92
CA ARG B 229 3.48 24.20 13.84
C ARG B 229 3.01 24.86 15.13
N ALA B 230 1.89 25.57 15.03
CA ALA B 230 1.25 26.26 16.13
C ALA B 230 0.54 25.25 17.02
N PHE B 231 -0.06 24.25 16.37
CA PHE B 231 -0.72 23.21 17.14
C PHE B 231 0.33 22.45 17.90
N ALA B 232 1.44 22.27 17.26
CA ALA B 232 2.50 21.49 17.81
C ALA B 232 3.20 22.05 18.99
N ALA B 233 3.11 23.37 19.17
CA ALA B 233 3.77 23.98 20.32
C ALA B 233 2.92 23.80 21.56
N MET B 234 1.60 23.70 21.33
CA MET B 234 0.62 23.56 22.37
C MET B 234 0.36 22.16 22.77
N HIS B 235 0.36 21.22 21.81
CA HIS B 235 0.00 19.84 22.08
C HIS B 235 1.04 18.85 22.57
N LYS B 236 0.52 17.85 23.31
CA LYS B 236 1.35 16.77 23.83
C LYS B 236 1.36 15.70 22.73
N GLU B 237 0.18 15.52 22.19
CA GLU B 237 0.02 14.52 21.20
C GLU B 237 -0.72 15.02 19.96
N LEU B 238 -0.37 14.40 18.83
CA LEU B 238 -1.02 14.62 17.57
C LEU B 238 -0.55 13.67 16.50
N ILE B 239 -1.29 13.71 15.40
CA ILE B 239 -1.03 12.88 14.25
C ILE B 239 -1.07 13.66 12.92
N VAL B 240 -0.05 13.43 12.08
CA VAL B 240 0.03 14.05 10.79
C VAL B 240 0.05 13.00 9.70
N ALA B 241 -0.88 13.15 8.77
CA ALA B 241 -0.97 12.28 7.59
C ALA B 241 -0.52 13.12 6.42
N SER B 242 0.76 13.02 6.04
CA SER B 242 1.26 13.82 4.94
C SER B 242 1.47 13.07 3.59
N SER B 243 1.32 13.81 2.47
CA SER B 243 1.48 13.28 1.11
C SER B 243 2.56 14.01 0.27
N TYR B 244 3.30 13.27 -0.58
CA TYR B 244 4.29 13.89 -1.48
C TYR B 244 3.81 13.73 -2.94
N SER B 245 2.57 13.32 -3.11
CA SER B 245 1.98 13.11 -4.41
C SER B 245 1.92 14.36 -5.27
N LYS B 246 1.54 15.50 -4.66
CA LYS B 246 1.36 16.73 -5.38
C LYS B 246 2.62 17.60 -5.45
N ASN B 247 3.30 17.74 -4.33
CA ASN B 247 4.48 18.59 -4.37
C ASN B 247 5.67 18.04 -5.09
N PHE B 248 5.61 16.77 -5.47
CA PHE B 248 6.71 16.08 -6.17
C PHE B 248 6.20 15.47 -7.46
N GLY B 249 4.90 15.64 -7.72
CA GLY B 249 4.31 15.08 -8.91
C GLY B 249 4.48 13.56 -8.95
N LEU B 250 4.54 12.91 -7.79
CA LEU B 250 4.73 11.47 -7.73
C LEU B 250 3.46 10.66 -7.44
N TYR B 251 2.31 11.15 -7.91
CA TYR B 251 1.01 10.56 -7.71
C TYR B 251 0.93 9.05 -7.66
N ASN B 252 1.37 8.35 -8.72
CA ASN B 252 1.22 6.90 -8.79
C ASN B 252 2.22 6.02 -8.06
N GLU B 253 3.22 6.61 -7.47
CA GLU B 253 4.22 5.83 -6.74
C GLU B 253 3.81 5.71 -5.29
N ARG B 254 2.80 6.55 -4.87
CA ARG B 254 2.22 6.53 -3.50
C ARG B 254 3.23 6.77 -2.41
N VAL B 255 3.61 8.02 -2.22
CA VAL B 255 4.59 8.36 -1.25
C VAL B 255 3.95 9.28 -0.23
N GLY B 256 3.94 8.85 1.03
CA GLY B 256 3.34 9.64 2.09
C GLY B 256 3.92 9.21 3.39
N ALA B 257 3.43 9.81 4.48
CA ALA B 257 3.96 9.47 5.79
C ALA B 257 2.91 9.71 6.90
N CYS B 258 3.01 8.88 7.96
CA CYS B 258 2.13 9.00 9.11
C CYS B 258 3.01 9.37 10.21
N THR B 259 2.82 10.57 10.68
CA THR B 259 3.65 11.00 11.79
C THR B 259 2.83 11.05 13.09
N LEU B 260 3.39 10.41 14.12
CA LEU B 260 2.81 10.29 15.46
C LEU B 260 3.61 11.01 16.54
N VAL B 261 2.93 11.86 17.32
CA VAL B 261 3.62 12.57 18.41
C VAL B 261 2.93 12.37 19.75
N ALA B 262 3.76 12.18 20.77
CA ALA B 262 3.31 11.98 22.15
C ALA B 262 4.10 12.90 23.09
N ALA B 263 3.71 12.97 24.36
CA ALA B 263 4.39 13.87 25.29
C ALA B 263 5.85 13.60 25.43
N ASP B 264 6.25 12.39 25.13
CA ASP B 264 7.66 12.11 25.26
C ASP B 264 8.13 10.81 24.57
N SER B 265 9.43 10.63 24.56
CA SER B 265 10.08 9.51 23.89
C SER B 265 9.57 8.14 24.22
N GLU B 266 9.60 7.82 25.49
CA GLU B 266 9.17 6.54 25.99
C GLU B 266 7.72 6.28 25.55
N THR B 267 6.89 7.30 25.62
CA THR B 267 5.54 7.10 25.21
C THR B 267 5.39 6.97 23.70
N VAL B 268 6.09 7.78 22.95
CA VAL B 268 5.94 7.67 21.52
C VAL B 268 6.43 6.29 21.07
N ASP B 269 7.51 5.83 21.71
CA ASP B 269 8.02 4.51 21.38
C ASP B 269 6.94 3.43 21.53
N ARG B 270 6.36 3.30 22.71
CA ARG B 270 5.30 2.31 22.92
C ARG B 270 4.16 2.47 21.91
N ALA B 271 3.70 3.70 21.73
CA ALA B 271 2.58 3.94 20.81
C ALA B 271 2.89 3.55 19.37
N PHE B 272 4.10 3.89 18.94
CA PHE B 272 4.52 3.63 17.57
C PHE B 272 4.54 2.14 17.27
N SER B 273 4.92 1.34 18.27
CA SER B 273 4.99 -0.10 18.09
C SER B 273 3.63 -0.68 17.75
N GLN B 274 2.54 -0.05 18.21
CA GLN B 274 1.16 -0.48 17.90
C GLN B 274 0.76 -0.04 16.47
N MET B 275 1.38 1.07 16.02
CA MET B 275 1.17 1.59 14.70
C MET B 275 1.83 0.62 13.73
N LYS B 276 3.04 0.22 14.05
CA LYS B 276 3.70 -0.72 13.19
C LYS B 276 2.87 -1.98 13.09
N ALA B 277 2.29 -2.39 14.20
CA ALA B 277 1.42 -3.59 14.18
C ALA B 277 0.23 -3.40 13.28
N ALA B 278 -0.30 -2.18 13.21
CA ALA B 278 -1.45 -2.00 12.30
C ALA B 278 -1.02 -2.09 10.78
N ILE B 279 0.26 -1.78 10.52
CA ILE B 279 0.86 -1.83 9.19
C ILE B 279 1.06 -3.27 8.75
N ARG B 280 1.67 -4.03 9.69
CA ARG B 280 1.92 -5.44 9.52
C ARG B 280 0.68 -6.21 9.12
N ALA B 281 -0.46 -5.80 9.66
CA ALA B 281 -1.70 -6.49 9.36
C ALA B 281 -2.36 -5.95 8.10
N ASN B 282 -1.71 -4.94 7.49
CA ASN B 282 -2.24 -4.32 6.28
C ASN B 282 -1.39 -4.65 5.05
N TYR B 283 -0.37 -3.84 4.74
CA TYR B 283 0.44 -4.11 3.56
C TYR B 283 1.85 -4.61 3.92
N SER B 284 2.16 -4.75 5.24
CA SER B 284 3.45 -5.28 5.63
C SER B 284 4.62 -4.29 5.65
N SER B 285 5.00 -3.75 4.52
CA SER B 285 6.07 -2.77 4.48
C SER B 285 5.82 -1.87 3.24
N PRO B 286 6.37 -0.64 3.19
CA PRO B 286 6.04 0.29 2.11
C PRO B 286 6.91 0.19 0.85
N PRO B 287 6.38 0.73 -0.31
CA PRO B 287 7.00 0.71 -1.63
C PRO B 287 8.20 1.64 -1.65
N ALA B 288 9.34 1.09 -2.06
CA ALA B 288 10.60 1.85 -2.04
C ALA B 288 10.78 3.00 -3.03
N HIS B 289 10.49 2.76 -4.32
CA HIS B 289 10.72 3.72 -5.41
C HIS B 289 10.51 5.20 -5.13
N GLY B 290 9.25 5.58 -5.04
CA GLY B 290 8.88 6.95 -4.82
C GLY B 290 9.52 7.55 -3.62
N ALA B 291 9.53 6.80 -2.49
CA ALA B 291 10.11 7.41 -1.33
C ALA B 291 11.62 7.58 -1.41
N SER B 292 12.32 6.67 -2.12
CA SER B 292 13.77 6.82 -2.25
C SER B 292 14.06 8.04 -3.09
N VAL B 293 13.13 8.31 -4.00
CA VAL B 293 13.22 9.48 -4.85
C VAL B 293 13.25 10.71 -3.98
N VAL B 294 12.20 10.86 -3.19
CA VAL B 294 12.06 11.96 -2.25
C VAL B 294 13.23 12.10 -1.28
N ALA B 295 13.72 11.02 -0.70
CA ALA B 295 14.82 11.23 0.21
C ALA B 295 16.10 11.66 -0.50
N THR B 296 16.28 11.18 -1.71
CA THR B 296 17.47 11.49 -2.49
C THR B 296 17.53 13.01 -2.78
N ILE B 297 16.39 13.49 -3.21
CA ILE B 297 16.25 14.88 -3.53
C ILE B 297 16.43 15.75 -2.29
N LEU B 298 15.73 15.42 -1.19
CA LEU B 298 15.77 16.24 0.01
C LEU B 298 17.12 16.27 0.61
N SER B 299 17.84 15.21 0.41
CA SER B 299 19.18 15.00 0.93
C SER B 299 20.35 15.61 0.16
N ASN B 300 20.12 16.03 -1.07
CA ASN B 300 21.16 16.56 -1.95
C ASN B 300 20.92 18.05 -2.21
N ASP B 301 21.89 18.90 -1.91
CA ASP B 301 21.71 20.32 -2.09
C ASP B 301 21.29 20.81 -3.45
N ALA B 302 21.95 20.28 -4.48
CA ALA B 302 21.67 20.63 -5.87
C ALA B 302 20.29 20.25 -6.29
N LEU B 303 19.96 18.98 -6.06
CA LEU B 303 18.67 18.45 -6.42
C LEU B 303 17.56 19.20 -5.71
N ARG B 304 17.78 19.46 -4.43
CA ARG B 304 16.79 20.15 -3.65
C ARG B 304 16.47 21.53 -4.22
N ALA B 305 17.51 22.20 -4.63
CA ALA B 305 17.39 23.54 -5.20
C ALA B 305 16.55 23.53 -6.46
N ILE B 306 16.80 22.56 -7.32
CA ILE B 306 16.05 22.46 -8.56
C ILE B 306 14.59 22.16 -8.26
N TRP B 307 14.38 21.27 -7.29
CA TRP B 307 13.03 20.84 -6.91
C TRP B 307 12.22 22.02 -6.39
N GLU B 308 12.80 22.78 -5.47
CA GLU B 308 12.04 23.93 -4.94
C GLU B 308 11.65 24.89 -6.02
N GLN B 309 12.52 25.06 -7.01
CA GLN B 309 12.22 25.94 -8.12
C GLN B 309 11.06 25.40 -8.90
N GLU B 310 11.04 24.08 -9.18
CA GLU B 310 9.91 23.48 -9.92
C GLU B 310 8.58 23.66 -9.18
N LEU B 311 8.63 23.62 -7.86
CA LEU B 311 7.47 23.75 -6.99
C LEU B 311 6.96 25.16 -7.08
N THR B 312 7.90 26.12 -6.92
CA THR B 312 7.51 27.54 -7.05
C THR B 312 6.88 27.89 -8.41
N ASP B 313 7.42 27.23 -9.44
CA ASP B 313 6.94 27.39 -10.79
C ASP B 313 5.51 26.88 -10.87
N MET B 314 5.28 25.67 -10.32
CA MET B 314 3.94 25.09 -10.33
C MET B 314 2.92 26.05 -9.69
N ARG B 315 3.27 26.51 -8.50
CA ARG B 315 2.40 27.42 -7.75
C ARG B 315 2.06 28.72 -8.52
N GLN B 316 3.08 29.32 -9.11
CA GLN B 316 2.88 30.52 -9.87
C GLN B 316 2.01 30.30 -11.09
N ARG B 317 2.25 29.22 -11.84
CA ARG B 317 1.44 28.97 -12.99
C ARG B 317 -0.05 28.90 -12.62
N ILE B 318 -0.31 28.33 -11.44
CA ILE B 318 -1.70 28.21 -11.00
C ILE B 318 -2.24 29.56 -10.61
N GLN B 319 -1.41 30.36 -9.94
CA GLN B 319 -1.90 31.67 -9.53
C GLN B 319 -2.28 32.45 -10.75
N ARG B 320 -1.58 32.21 -11.86
CA ARG B 320 -1.85 32.90 -13.10
C ARG B 320 -3.09 32.43 -13.78
N MET B 321 -3.24 31.12 -13.82
CA MET B 321 -4.42 30.58 -14.42
C MET B 321 -5.70 31.06 -13.69
N ARG B 322 -5.60 31.30 -12.37
CA ARG B 322 -6.75 31.76 -11.61
C ARG B 322 -7.20 33.16 -11.96
N GLN B 323 -6.22 34.06 -12.12
CA GLN B 323 -6.49 35.41 -12.56
C GLN B 323 -7.09 35.42 -13.96
N LEU B 324 -6.54 34.59 -14.85
CA LEU B 324 -6.97 34.47 -16.22
C LEU B 324 -8.38 33.87 -16.33
N PHE B 325 -8.75 33.00 -15.37
CA PHE B 325 -10.06 32.32 -15.33
C PHE B 325 -11.14 33.32 -15.05
N VAL B 326 -10.94 34.13 -14.04
CA VAL B 326 -11.98 35.09 -13.75
C VAL B 326 -12.16 36.18 -14.82
N ASN B 327 -11.02 36.67 -15.34
CA ASN B 327 -11.00 37.69 -16.36
C ASN B 327 -11.79 37.30 -17.58
N THR B 328 -11.55 36.09 -18.03
CA THR B 328 -12.21 35.60 -19.21
C THR B 328 -13.69 35.29 -19.01
N LEU B 329 -14.03 34.92 -17.77
CA LEU B 329 -15.39 34.59 -17.44
C LEU B 329 -16.11 35.90 -17.60
N GLN B 330 -15.46 36.91 -17.05
CA GLN B 330 -15.94 38.27 -17.07
C GLN B 330 -16.18 38.70 -18.50
N GLU B 331 -15.09 38.70 -19.25
CA GLU B 331 -15.13 39.08 -20.63
C GLU B 331 -15.99 38.18 -21.50
N LYS B 332 -16.38 37.04 -20.98
CA LYS B 332 -17.22 36.16 -21.77
C LYS B 332 -18.69 36.28 -21.44
N GLY B 333 -19.00 37.23 -20.55
CA GLY B 333 -20.37 37.52 -20.19
C GLY B 333 -21.07 36.63 -19.18
N ALA B 334 -20.40 36.39 -18.06
CA ALA B 334 -20.96 35.62 -16.96
C ALA B 334 -21.98 36.46 -16.18
N ASN B 335 -22.95 35.80 -15.56
CA ASN B 335 -23.96 36.46 -14.78
C ASN B 335 -23.41 36.90 -13.45
N ARG B 336 -22.80 35.96 -12.77
CA ARG B 336 -22.25 36.24 -11.49
C ARG B 336 -20.90 36.94 -11.51
N ASP B 337 -20.51 37.34 -10.31
CA ASP B 337 -19.23 37.92 -10.04
C ASP B 337 -18.42 36.75 -9.49
N PHE B 338 -17.30 36.42 -10.10
CA PHE B 338 -16.54 35.28 -9.68
C PHE B 338 -15.23 35.63 -9.04
N SER B 339 -15.07 36.87 -8.66
CA SER B 339 -13.81 37.30 -8.07
C SER B 339 -13.39 36.68 -6.73
N PHE B 340 -14.33 36.02 -6.01
CA PHE B 340 -13.96 35.39 -4.74
C PHE B 340 -12.93 34.30 -4.97
N ILE B 341 -13.04 33.72 -6.15
CA ILE B 341 -12.17 32.68 -6.60
C ILE B 341 -10.71 33.06 -6.52
N ILE B 342 -10.46 34.35 -6.64
CA ILE B 342 -9.07 34.79 -6.56
C ILE B 342 -8.49 34.64 -5.14
N LYS B 343 -9.41 34.49 -4.21
CA LYS B 343 -9.08 34.44 -2.82
C LYS B 343 -8.82 33.03 -2.24
N GLN B 344 -9.03 32.04 -3.09
CA GLN B 344 -8.79 30.66 -2.69
C GLN B 344 -7.40 30.21 -3.04
N ASN B 345 -6.88 29.24 -2.33
CA ASN B 345 -5.57 28.76 -2.69
C ASN B 345 -5.46 27.29 -3.02
N GLY B 346 -4.31 26.89 -3.51
CA GLY B 346 -4.12 25.51 -3.92
C GLY B 346 -4.57 25.33 -5.37
N MET B 347 -4.80 24.09 -5.74
CA MET B 347 -5.15 23.79 -7.12
C MET B 347 -6.53 24.09 -7.61
N PHE B 348 -7.46 24.16 -6.70
CA PHE B 348 -8.84 24.25 -7.12
C PHE B 348 -9.51 25.56 -6.93
N SER B 349 -10.79 25.47 -7.28
CA SER B 349 -11.73 26.53 -7.14
C SER B 349 -13.13 25.95 -6.92
N PHE B 350 -13.69 26.29 -5.74
CA PHE B 350 -15.04 25.89 -5.34
C PHE B 350 -15.89 26.96 -5.97
N SER B 351 -16.28 26.69 -7.20
CA SER B 351 -16.97 27.61 -8.11
C SER B 351 -18.38 28.03 -7.86
N GLY B 352 -19.13 27.36 -7.03
CA GLY B 352 -20.50 27.78 -6.87
C GLY B 352 -21.46 27.18 -7.91
N LEU B 353 -21.03 26.26 -8.77
CA LEU B 353 -21.95 25.67 -9.74
C LEU B 353 -22.78 24.57 -9.07
N THR B 354 -23.97 24.32 -9.58
CA THR B 354 -24.85 23.33 -9.01
C THR B 354 -24.56 21.96 -9.63
N LYS B 355 -25.18 20.96 -9.02
CA LYS B 355 -25.04 19.60 -9.45
C LYS B 355 -25.44 19.47 -10.87
N GLU B 356 -26.58 20.04 -11.18
CA GLU B 356 -27.07 19.93 -12.54
C GLU B 356 -26.29 20.77 -13.56
N GLN B 357 -25.61 21.81 -13.10
CA GLN B 357 -24.79 22.61 -13.99
C GLN B 357 -23.57 21.80 -14.40
N VAL B 358 -22.96 21.15 -13.41
CA VAL B 358 -21.80 20.27 -13.59
C VAL B 358 -22.09 19.06 -14.48
N LEU B 359 -23.28 18.55 -14.35
CA LEU B 359 -23.76 17.44 -15.10
C LEU B 359 -23.94 17.88 -16.55
N ARG B 360 -24.52 19.07 -16.71
CA ARG B 360 -24.75 19.61 -18.03
C ARG B 360 -23.45 19.98 -18.75
N LEU B 361 -22.55 20.63 -18.05
CA LEU B 361 -21.26 21.04 -18.58
C LEU B 361 -20.59 19.82 -19.15
N ARG B 362 -20.92 18.68 -18.61
CA ARG B 362 -20.28 17.49 -19.08
C ARG B 362 -20.97 16.70 -20.22
N GLU B 363 -22.30 16.53 -20.18
CA GLU B 363 -22.98 15.77 -21.21
C GLU B 363 -22.92 16.47 -22.54
N GLU B 364 -23.13 17.75 -22.37
CA GLU B 364 -23.26 18.76 -23.36
C GLU B 364 -21.98 19.40 -23.88
N PHE B 365 -20.97 19.62 -23.05
CA PHE B 365 -19.79 20.28 -23.55
C PHE B 365 -18.46 19.52 -23.37
N GLY B 366 -18.49 18.37 -22.70
CA GLY B 366 -17.28 17.61 -22.49
C GLY B 366 -16.31 18.22 -21.49
N VAL B 367 -16.79 19.11 -20.60
CA VAL B 367 -15.94 19.70 -19.54
C VAL B 367 -16.20 18.89 -18.25
N TYR B 368 -15.17 18.44 -17.55
CA TYR B 368 -15.37 17.59 -16.38
C TYR B 368 -14.97 18.18 -15.05
N ALA B 369 -15.96 18.35 -14.17
CA ALA B 369 -15.70 18.88 -12.83
C ALA B 369 -16.34 17.94 -11.83
N VAL B 370 -16.05 18.11 -10.54
CA VAL B 370 -16.62 17.28 -9.50
C VAL B 370 -17.99 17.82 -9.15
N ALA B 371 -18.93 16.94 -8.87
CA ALA B 371 -20.31 17.28 -8.60
C ALA B 371 -20.55 18.41 -7.63
N SER B 372 -19.61 18.54 -6.71
CA SER B 372 -19.73 19.56 -5.72
C SER B 372 -19.48 20.96 -6.29
N GLY B 373 -19.08 21.03 -7.57
CA GLY B 373 -18.79 22.33 -8.22
C GLY B 373 -17.30 22.67 -8.18
N ARG B 374 -16.48 21.76 -7.64
CA ARG B 374 -15.01 21.90 -7.56
C ARG B 374 -14.40 21.76 -8.96
N VAL B 375 -13.61 22.76 -9.27
CA VAL B 375 -12.98 22.85 -10.57
C VAL B 375 -11.45 22.91 -10.44
N ASN B 376 -10.70 22.11 -11.23
CA ASN B 376 -9.22 22.06 -11.15
C ASN B 376 -8.55 23.22 -11.90
N VAL B 377 -8.10 24.25 -11.18
CA VAL B 377 -7.45 25.36 -11.86
C VAL B 377 -6.13 24.96 -12.56
N ALA B 378 -5.39 24.04 -11.93
CA ALA B 378 -4.13 23.55 -12.44
C ALA B 378 -4.30 22.79 -13.76
N GLY B 379 -5.52 22.51 -14.13
CA GLY B 379 -5.71 21.82 -15.39
C GLY B 379 -6.07 22.82 -16.49
N MET B 380 -6.02 24.10 -16.13
CA MET B 380 -6.37 25.15 -17.08
C MET B 380 -5.15 25.65 -17.85
N THR B 381 -5.44 26.00 -19.11
CA THR B 381 -4.45 26.53 -20.00
C THR B 381 -5.05 27.58 -20.89
N PRO B 382 -4.13 28.38 -21.32
CA PRO B 382 -4.38 29.49 -22.23
C PRO B 382 -5.06 29.01 -23.47
N ASP B 383 -4.79 27.80 -23.85
CA ASP B 383 -5.44 27.28 -25.03
C ASP B 383 -6.81 26.67 -24.79
N ASN B 384 -7.11 26.28 -23.54
CA ASN B 384 -8.42 25.67 -23.27
C ASN B 384 -9.32 26.61 -22.51
N MET B 385 -8.74 27.73 -22.06
CA MET B 385 -9.47 28.70 -21.31
C MET B 385 -10.69 29.26 -21.97
N ALA B 386 -10.66 29.58 -23.28
CA ALA B 386 -11.83 30.16 -23.91
C ALA B 386 -13.02 29.24 -24.06
N PRO B 387 -12.78 28.08 -24.56
CA PRO B 387 -13.86 27.15 -24.75
C PRO B 387 -14.50 26.82 -23.40
N LEU B 388 -13.63 26.58 -22.42
CA LEU B 388 -13.96 26.27 -21.03
C LEU B 388 -14.96 27.31 -20.50
N CYS B 389 -14.50 28.57 -20.49
CA CYS B 389 -15.25 29.71 -20.03
C CYS B 389 -16.57 29.88 -20.74
N GLU B 390 -16.64 29.43 -22.00
CA GLU B 390 -17.87 29.52 -22.73
C GLU B 390 -18.88 28.52 -22.27
N ALA B 391 -18.35 27.35 -21.96
CA ALA B 391 -19.18 26.30 -21.49
C ALA B 391 -19.90 26.78 -20.21
N ILE B 392 -19.14 27.21 -19.20
CA ILE B 392 -19.68 27.70 -17.95
C ILE B 392 -20.77 28.72 -18.18
N VAL B 393 -20.39 29.77 -18.86
CA VAL B 393 -21.30 30.84 -19.20
C VAL B 393 -22.62 30.33 -19.78
N ALA B 394 -22.52 29.35 -20.67
CA ALA B 394 -23.68 28.75 -21.33
C ALA B 394 -24.62 28.10 -20.38
N VAL B 395 -24.06 27.61 -19.25
CA VAL B 395 -24.85 26.91 -18.27
C VAL B 395 -25.38 27.76 -17.15
N LEU B 396 -24.79 28.90 -16.89
CA LEU B 396 -25.37 29.68 -15.81
C LEU B 396 -26.77 30.25 -16.01
#